data_3N44
#
_entry.id   3N44
#
_cell.length_a   58.089
_cell.length_b   89.954
_cell.length_c   174.018
_cell.angle_alpha   90.00
_cell.angle_beta   90.00
_cell.angle_gamma   90.00
#
_symmetry.space_group_name_H-M   'P 21 21 21'
#
loop_
_entity.id
_entity.type
_entity.pdbx_description
1 polymer 'E3 envelope glycoprotein'
2 polymer 'E2 envelope glycoprotein'
3 polymer 'E1 envelope glycoprotein'
4 non-polymer 'ACETATE ION'
5 non-polymer 2-acetamido-2-deoxy-beta-D-glucopyranose
6 non-polymer 'OSMIUM ION'
7 water water
#
loop_
_entity_poly.entity_id
_entity_poly.type
_entity_poly.pdbx_seq_one_letter_code
_entity_poly.pdbx_strand_id
1 'polypeptide(L)' MSLAIPVMCLLANTTFPCSQPPCTPCCYEKEPEETLRMLEDNVMRPGYYQLLQASLTCSPHRQRR A
2 'polypeptide(L)'
;STKDNFNVYKATRPYLAHCPDCGEGHSCHSPVALERIRNEATDGTLKIQVSLQIGIKTDDSHDWTKLRYMDNHMPADAER
AGLFVRTSAPCTITGTMGHFILARCPKGETLTVGFTDSRKISHSCTHPFHHDPPVIGREKFHSRPQHGKELPCSTYVQST
AATTEEIEVHMPPDTPDRTLMSQQSGNVKITVNGQTVRYKCNCGGSNEGLTTTDKVINNCKVDQCHAAVTNHKKWQYNSP
LVPRNAELGDRKGKIHIPFPLANVTCRVPKARNPTVTYGKNQVIMLLYPDHPTLLSYRNMGEEPNYQEEWVMHKKEVVLT
VPTEGLEVTWGNNEPYKYWPQLSTNGTAHGHPHEIILYYY
;
B
3 'polypeptide(L)'
;ELYGGGGSGGGGSGGGGSGGGGYEHVTVIPNTVGVPYKTLVNRPGYSPMVLEMELLSVTLEPTLSLDYITCEYKTVIPSP
YVKCCGTAECKDKNLPDYSCKVFTGVYPFMWGGAYCFCDAENTQLSEAHVEKSESCKTEFASAYRAHTASASAKLRVLYQ
GNNITVTAYANGDHAVTVKDAKFIVGPMSSAWTPFDNKIVVYKGDVYNMDYPPFGAGRPGQFGDIQSRTPESKDVYANTQ
LVLQRPAAGTVHVPYSQAPSGFKYWLKERGASLQHTAPFGCQIATNPVRAVNCAVGNMPISIDIPEAAFTRVVDAPSLTD
MSCEVPACTHSSDFGGVAIIKYAASKKGKCAVHSMTNAVTIREAEIEVEGNSQLQISFSTALASAEFRVQVCSTQVHCAA
ECHPPKDHIVNYPASHTTLGVQDISATAMSWVQKGPFEDDDDKAGWSHPQFEKGGGSGGGSGGGSWSHPQFEK
;
F
#
loop_
_chem_comp.id
_chem_comp.type
_chem_comp.name
_chem_comp.formula
ACT non-polymer 'ACETATE ION' 'C2 H3 O2 -1'
NAG D-saccharide, beta linking 2-acetamido-2-deoxy-beta-D-glucopyranose 'C8 H15 N O6'
OS non-polymer 'OSMIUM ION' 'Os 3'
#
# COMPACT_ATOMS: atom_id res chain seq x y z
N PRO A 6 1.73 35.68 8.42
CA PRO A 6 2.19 36.64 7.42
C PRO A 6 1.56 36.47 6.04
N VAL A 7 0.81 35.36 5.83
CA VAL A 7 0.15 35.04 4.56
C VAL A 7 -0.99 36.02 4.22
N MET A 8 -0.97 36.56 2.98
CA MET A 8 -1.94 37.56 2.51
C MET A 8 -2.80 37.06 1.35
N CYS A 9 -4.09 37.47 1.32
CA CYS A 9 -5.08 37.15 0.30
C CYS A 9 -5.48 38.41 -0.49
N LEU A 10 -6.16 38.25 -1.65
CA LEU A 10 -6.54 39.36 -2.52
C LEU A 10 -8.05 39.52 -2.78
N LEU A 11 -8.48 40.78 -2.95
CA LEU A 11 -9.85 41.19 -3.27
C LEU A 11 -9.76 42.38 -4.23
N ALA A 12 -10.01 42.14 -5.54
CA ALA A 12 -9.96 43.11 -6.64
C ALA A 12 -8.63 43.89 -6.75
N ASN A 13 -8.43 44.91 -5.90
CA ASN A 13 -7.22 45.74 -5.86
C ASN A 13 -6.68 45.97 -4.44
N THR A 14 -7.36 45.39 -3.42
CA THR A 14 -6.97 45.51 -2.00
C THR A 14 -6.45 44.19 -1.44
N THR A 15 -5.33 44.25 -0.69
CA THR A 15 -4.70 43.09 -0.05
C THR A 15 -5.08 43.03 1.43
N PHE A 16 -5.37 41.81 1.93
CA PHE A 16 -5.80 41.56 3.31
C PHE A 16 -5.28 40.20 3.82
N PRO A 17 -5.08 39.98 5.15
CA PRO A 17 -4.65 38.64 5.61
C PRO A 17 -5.75 37.59 5.43
N CYS A 18 -5.39 36.42 4.87
CA CYS A 18 -6.28 35.30 4.57
C CYS A 18 -7.25 34.89 5.69
N SER A 19 -6.74 34.81 6.94
CA SER A 19 -7.54 34.45 8.12
C SER A 19 -8.53 35.54 8.52
N GLN A 20 -8.24 36.82 8.17
CA GLN A 20 -9.09 37.97 8.50
C GLN A 20 -9.63 38.67 7.23
N PRO A 21 -10.77 38.18 6.66
CA PRO A 21 -11.32 38.83 5.46
C PRO A 21 -12.15 40.09 5.78
N PRO A 22 -12.34 41.04 4.82
CA PRO A 22 -13.14 42.24 5.14
C PRO A 22 -14.64 42.00 5.28
N CYS A 23 -15.13 40.90 4.69
CA CYS A 23 -16.55 40.50 4.69
C CYS A 23 -17.05 39.94 6.03
N THR A 24 -16.15 39.28 6.81
CA THR A 24 -16.46 38.64 8.10
C THR A 24 -17.15 39.60 9.12
N PRO A 25 -18.20 39.16 9.86
CA PRO A 25 -18.81 37.81 9.89
C PRO A 25 -19.80 37.50 8.77
N CYS A 26 -20.01 36.18 8.51
CA CYS A 26 -20.92 35.61 7.51
C CYS A 26 -20.75 36.22 6.12
N CYS A 27 -19.67 35.83 5.41
CA CYS A 27 -19.33 36.31 4.07
C CYS A 27 -20.31 35.81 3.02
N TYR A 28 -20.63 34.51 3.04
CA TYR A 28 -21.56 33.87 2.10
C TYR A 28 -23.00 34.30 2.31
N GLU A 29 -23.42 34.53 3.58
CA GLU A 29 -24.78 34.95 3.94
C GLU A 29 -25.10 36.35 3.42
N LYS A 30 -24.16 37.30 3.60
CA LYS A 30 -24.29 38.69 3.15
C LYS A 30 -24.29 38.80 1.63
N GLU A 31 -23.20 38.35 0.98
CA GLU A 31 -23.00 38.39 -0.47
C GLU A 31 -22.55 37.00 -0.97
N PRO A 32 -23.46 36.14 -1.46
CA PRO A 32 -23.03 34.79 -1.91
C PRO A 32 -22.24 34.76 -3.21
N GLU A 33 -22.48 35.72 -4.14
CA GLU A 33 -21.80 35.79 -5.42
C GLU A 33 -20.34 36.25 -5.32
N GLU A 34 -20.08 37.42 -4.69
CA GLU A 34 -18.72 37.96 -4.57
C GLU A 34 -17.78 37.17 -3.64
N THR A 35 -18.33 36.37 -2.72
CA THR A 35 -17.55 35.54 -1.79
C THR A 35 -16.87 34.40 -2.57
N LEU A 36 -17.65 33.71 -3.43
CA LEU A 36 -17.15 32.63 -4.29
C LEU A 36 -16.17 33.18 -5.32
N ARG A 37 -16.44 34.39 -5.86
CA ARG A 37 -15.60 35.10 -6.82
C ARG A 37 -14.24 35.45 -6.18
N MET A 38 -14.26 35.89 -4.90
CA MET A 38 -13.07 36.22 -4.11
C MET A 38 -12.23 34.95 -3.91
N LEU A 39 -12.87 33.82 -3.55
CA LEU A 39 -12.23 32.52 -3.34
C LEU A 39 -11.63 31.97 -4.63
N GLU A 40 -12.29 32.19 -5.78
CA GLU A 40 -11.84 31.75 -7.11
C GLU A 40 -10.56 32.47 -7.54
N ASP A 41 -10.37 33.72 -7.08
CA ASP A 41 -9.19 34.54 -7.39
C ASP A 41 -7.99 34.22 -6.47
N ASN A 42 -8.22 33.46 -5.39
CA ASN A 42 -7.18 33.11 -4.40
C ASN A 42 -6.79 31.62 -4.37
N VAL A 43 -7.19 30.84 -5.40
CA VAL A 43 -6.89 29.39 -5.48
C VAL A 43 -5.43 29.00 -5.60
N MET A 44 -4.62 29.78 -6.33
CA MET A 44 -3.20 29.54 -6.53
C MET A 44 -2.39 29.90 -5.26
N ARG A 45 -2.93 30.82 -4.44
CA ARG A 45 -2.33 31.33 -3.21
C ARG A 45 -2.22 30.28 -2.08
N PRO A 46 -1.13 30.30 -1.26
CA PRO A 46 -0.99 29.28 -0.20
C PRO A 46 -2.00 29.35 0.94
N GLY A 47 -2.49 30.55 1.25
CA GLY A 47 -3.44 30.77 2.33
C GLY A 47 -4.90 30.66 1.95
N TYR A 48 -5.21 29.93 0.84
CA TYR A 48 -6.57 29.75 0.35
C TYR A 48 -7.51 29.08 1.37
N TYR A 49 -7.06 27.98 2.01
CA TYR A 49 -7.85 27.25 3.00
C TYR A 49 -8.10 28.02 4.30
N GLN A 50 -7.27 29.05 4.57
CA GLN A 50 -7.43 29.94 5.72
C GLN A 50 -8.58 30.90 5.39
N LEU A 51 -8.67 31.31 4.11
CA LEU A 51 -9.72 32.19 3.58
C LEU A 51 -11.05 31.43 3.43
N LEU A 52 -10.99 30.14 2.99
CA LEU A 52 -12.15 29.28 2.83
C LEU A 52 -12.85 28.99 4.17
N GLN A 53 -12.03 28.82 5.25
CA GLN A 53 -12.52 28.56 6.60
C GLN A 53 -13.20 29.81 7.18
N ALA A 54 -12.56 30.98 7.03
CA ALA A 54 -13.06 32.26 7.54
C ALA A 54 -14.31 32.79 6.83
N SER A 55 -14.40 32.60 5.50
CA SER A 55 -15.53 33.06 4.69
C SER A 55 -16.80 32.24 4.91
N LEU A 56 -16.66 30.93 5.18
CA LEU A 56 -17.80 30.04 5.39
C LEU A 56 -18.15 29.77 6.87
N THR A 57 -17.80 30.72 7.76
CA THR A 57 -18.07 30.68 9.19
C THR A 57 -19.11 31.76 9.51
N CYS A 58 -20.21 31.39 10.20
CA CYS A 58 -21.26 32.33 10.57
C CYS A 58 -21.71 32.23 12.03
N SER A 59 -22.57 31.24 12.36
CA SER A 59 -23.10 31.05 13.71
C SER A 59 -23.16 29.57 14.08
N ASP B 4 -15.42 26.06 14.93
CA ASP B 4 -16.34 24.94 14.71
C ASP B 4 -17.67 25.36 14.06
N ASN B 5 -17.82 26.66 13.74
CA ASN B 5 -19.00 27.23 13.10
C ASN B 5 -18.90 27.22 11.55
N PHE B 6 -17.82 26.62 11.02
CA PHE B 6 -17.52 26.50 9.60
C PHE B 6 -18.35 25.40 8.91
N ASN B 7 -19.03 25.77 7.82
CA ASN B 7 -19.85 24.87 7.01
C ASN B 7 -19.54 25.10 5.53
N VAL B 8 -18.86 24.13 4.90
CA VAL B 8 -18.47 24.18 3.49
C VAL B 8 -19.65 23.88 2.55
N TYR B 9 -20.64 23.12 3.05
CA TYR B 9 -21.81 22.70 2.30
C TYR B 9 -22.82 23.80 1.95
N LYS B 10 -22.68 25.00 2.53
CA LYS B 10 -23.56 26.12 2.20
C LYS B 10 -23.20 26.75 0.84
N ALA B 11 -21.90 26.70 0.49
CA ALA B 11 -21.37 27.22 -0.78
C ALA B 11 -21.65 26.24 -1.92
N THR B 12 -21.57 24.92 -1.63
CA THR B 12 -21.78 23.85 -2.61
C THR B 12 -23.26 23.43 -2.69
N ARG B 13 -23.61 22.62 -3.71
CA ARG B 13 -24.97 22.12 -3.91
C ARG B 13 -25.02 20.76 -4.62
N PRO B 14 -26.05 19.89 -4.36
CA PRO B 14 -26.14 18.63 -5.13
C PRO B 14 -26.54 18.93 -6.57
N TYR B 15 -26.22 18.05 -7.52
CA TYR B 15 -26.52 18.32 -8.93
C TYR B 15 -27.04 17.13 -9.75
N LEU B 16 -27.48 17.42 -10.97
CA LEU B 16 -27.95 16.43 -11.94
C LEU B 16 -26.87 16.28 -13.00
N ALA B 17 -26.42 15.03 -13.21
CA ALA B 17 -25.37 14.71 -14.19
C ALA B 17 -25.74 13.46 -15.00
N HIS B 18 -25.07 13.26 -16.14
CA HIS B 18 -25.28 12.12 -17.03
C HIS B 18 -24.92 10.79 -16.36
N CYS B 19 -25.73 9.76 -16.62
CA CYS B 19 -25.55 8.40 -16.15
C CYS B 19 -25.87 7.45 -17.34
N PRO B 20 -24.98 6.49 -17.67
CA PRO B 20 -25.26 5.60 -18.83
C PRO B 20 -26.41 4.61 -18.61
N ASP B 21 -26.68 4.24 -17.35
CA ASP B 21 -27.74 3.29 -17.00
C ASP B 21 -28.45 3.69 -15.69
N CYS B 22 -29.67 4.23 -15.83
CA CYS B 22 -30.50 4.66 -14.69
C CYS B 22 -31.50 3.55 -14.31
N GLY B 23 -31.46 2.43 -15.03
CA GLY B 23 -32.33 1.29 -14.87
C GLY B 23 -32.91 0.87 -16.21
N GLU B 24 -33.12 -0.46 -16.39
CA GLU B 24 -33.66 -1.09 -17.61
C GLU B 24 -32.68 -1.07 -18.81
N GLY B 25 -31.61 -0.28 -18.71
CA GLY B 25 -30.60 -0.13 -19.75
C GLY B 25 -30.69 1.16 -20.54
N HIS B 26 -31.20 2.24 -19.92
CA HIS B 26 -31.38 3.54 -20.57
C HIS B 26 -30.71 4.68 -19.80
N SER B 27 -30.15 5.64 -20.53
CA SER B 27 -29.47 6.83 -20.01
C SER B 27 -30.45 7.90 -19.52
N CYS B 28 -30.05 8.67 -18.48
CA CYS B 28 -30.86 9.76 -17.89
C CYS B 28 -29.99 10.82 -17.17
N HIS B 29 -30.62 11.96 -16.81
CA HIS B 29 -30.00 13.04 -16.04
C HIS B 29 -30.25 12.66 -14.58
N SER B 30 -29.33 11.86 -14.01
CA SER B 30 -29.44 11.28 -12.68
C SER B 30 -29.11 12.18 -11.49
N PRO B 31 -29.97 12.18 -10.44
CA PRO B 31 -29.64 12.93 -9.22
C PRO B 31 -28.65 12.15 -8.32
N VAL B 32 -28.40 10.88 -8.66
CA VAL B 32 -27.52 9.94 -7.99
C VAL B 32 -26.43 9.43 -9.00
N ALA B 33 -26.04 10.31 -9.94
CA ALA B 33 -25.03 10.01 -10.98
C ALA B 33 -23.65 9.72 -10.40
N LEU B 34 -22.98 8.69 -10.94
CA LEU B 34 -21.64 8.26 -10.50
C LEU B 34 -20.55 9.09 -11.15
N GLU B 35 -19.61 9.59 -10.34
CA GLU B 35 -18.50 10.42 -10.81
C GLU B 35 -17.19 9.63 -10.94
N ARG B 36 -16.58 9.25 -9.80
CA ARG B 36 -15.32 8.53 -9.75
C ARG B 36 -15.37 7.46 -8.67
N ILE B 37 -15.06 6.20 -9.05
CA ILE B 37 -15.00 5.07 -8.12
C ILE B 37 -13.53 4.74 -7.93
N ARG B 38 -13.04 4.90 -6.69
CA ARG B 38 -11.64 4.66 -6.33
C ARG B 38 -11.46 3.32 -5.62
N ASN B 39 -10.56 2.47 -6.15
CA ASN B 39 -10.26 1.14 -5.62
C ASN B 39 -8.75 0.99 -5.31
N GLU B 40 -8.16 2.04 -4.72
CA GLU B 40 -6.74 2.10 -4.36
C GLU B 40 -6.42 1.36 -3.06
N ALA B 41 -7.44 1.21 -2.17
CA ALA B 41 -7.32 0.51 -0.89
C ALA B 41 -7.15 -0.98 -1.09
N THR B 42 -6.07 -1.54 -0.50
CA THR B 42 -5.74 -2.96 -0.62
C THR B 42 -6.68 -3.87 0.18
N ASP B 43 -7.35 -3.32 1.22
CA ASP B 43 -8.31 -4.06 2.06
C ASP B 43 -9.64 -4.36 1.35
N GLY B 44 -9.89 -3.71 0.21
CA GLY B 44 -11.09 -3.91 -0.60
C GLY B 44 -12.09 -2.78 -0.58
N THR B 45 -11.91 -1.80 0.34
CA THR B 45 -12.78 -0.63 0.52
C THR B 45 -12.79 0.24 -0.74
N LEU B 46 -14.01 0.64 -1.18
CA LEU B 46 -14.21 1.48 -2.36
C LEU B 46 -14.63 2.89 -1.96
N LYS B 47 -14.00 3.91 -2.57
CA LYS B 47 -14.34 5.31 -2.35
C LYS B 47 -15.14 5.77 -3.57
N ILE B 48 -16.47 5.85 -3.41
CA ILE B 48 -17.40 6.22 -4.49
C ILE B 48 -17.80 7.69 -4.41
N GLN B 49 -17.74 8.40 -5.57
CA GLN B 49 -18.15 9.80 -5.67
C GLN B 49 -19.48 9.90 -6.43
N VAL B 50 -20.46 10.59 -5.82
N VAL B 50 -20.47 10.58 -5.82
CA VAL B 50 -21.81 10.76 -6.36
CA VAL B 50 -21.80 10.78 -6.40
C VAL B 50 -22.19 12.25 -6.53
C VAL B 50 -22.16 12.26 -6.56
N SER B 51 -23.18 12.56 -7.39
CA SER B 51 -23.66 13.93 -7.65
C SER B 51 -24.45 14.55 -6.48
N LEU B 52 -25.04 13.70 -5.61
CA LEU B 52 -25.80 14.16 -4.43
C LEU B 52 -24.92 14.30 -3.17
N GLN B 53 -25.45 14.94 -2.11
CA GLN B 53 -24.75 15.15 -0.84
C GLN B 53 -25.47 14.46 0.33
N ILE B 54 -24.73 13.59 1.05
CA ILE B 54 -25.24 12.81 2.19
C ILE B 54 -24.82 13.43 3.53
N GLY B 55 -25.72 13.38 4.51
CA GLY B 55 -25.48 13.89 5.85
C GLY B 55 -25.73 15.38 6.04
N ILE B 56 -26.24 16.05 4.99
CA ILE B 56 -26.52 17.49 4.97
C ILE B 56 -27.94 17.74 4.42
N LYS B 57 -28.69 18.66 5.07
CA LYS B 57 -30.05 19.05 4.69
C LYS B 57 -30.01 20.21 3.68
N THR B 58 -31.16 20.52 3.04
CA THR B 58 -31.30 21.61 2.06
C THR B 58 -31.01 22.99 2.68
N ASP B 59 -31.28 23.14 3.99
CA ASP B 59 -31.03 24.36 4.78
C ASP B 59 -29.56 24.45 5.24
N ASP B 60 -28.69 23.54 4.72
CA ASP B 60 -27.25 23.41 4.96
C ASP B 60 -26.82 22.80 6.30
N SER B 61 -27.78 22.52 7.21
CA SER B 61 -27.52 21.91 8.52
C SER B 61 -27.14 20.43 8.38
N HIS B 62 -26.23 19.97 9.26
CA HIS B 62 -25.74 18.59 9.27
C HIS B 62 -26.69 17.65 10.02
N ASP B 63 -27.14 16.58 9.32
CA ASP B 63 -28.05 15.56 9.83
C ASP B 63 -27.73 14.23 9.15
N TRP B 64 -27.14 13.28 9.91
CA TRP B 64 -26.72 11.96 9.42
C TRP B 64 -27.83 11.09 8.81
N THR B 65 -29.08 11.22 9.30
CA THR B 65 -30.23 10.47 8.81
C THR B 65 -30.84 11.11 7.55
N LYS B 66 -30.37 12.31 7.16
CA LYS B 66 -30.85 13.04 6.00
C LYS B 66 -29.88 12.98 4.82
N LEU B 67 -30.42 13.18 3.60
CA LEU B 67 -29.70 13.14 2.34
C LEU B 67 -30.30 14.22 1.41
N ARG B 68 -29.44 14.94 0.66
CA ARG B 68 -29.93 15.96 -0.28
C ARG B 68 -29.53 15.72 -1.73
N TYR B 69 -30.54 15.68 -2.61
CA TYR B 69 -30.42 15.44 -4.04
C TYR B 69 -31.03 16.62 -4.82
N MET B 70 -30.63 16.80 -6.09
CA MET B 70 -31.18 17.86 -6.93
C MET B 70 -32.50 17.38 -7.55
N ASP B 71 -33.61 18.06 -7.20
CA ASP B 71 -34.94 17.74 -7.70
C ASP B 71 -35.30 18.75 -8.80
N ASN B 72 -34.91 18.42 -10.04
CA ASN B 72 -35.13 19.20 -11.27
C ASN B 72 -34.51 20.61 -11.23
N HIS B 73 -35.12 21.56 -10.49
CA HIS B 73 -34.65 22.95 -10.36
C HIS B 73 -33.97 23.21 -9.01
N MET B 74 -34.63 22.83 -7.91
CA MET B 74 -34.14 23.07 -6.55
C MET B 74 -33.75 21.77 -5.79
N PRO B 75 -32.81 21.81 -4.82
CA PRO B 75 -32.47 20.59 -4.07
C PRO B 75 -33.58 20.19 -3.09
N ALA B 76 -33.76 18.87 -2.90
CA ALA B 76 -34.77 18.30 -2.01
C ALA B 76 -34.18 17.30 -1.03
N ASP B 77 -34.86 17.08 0.11
CA ASP B 77 -34.42 16.15 1.15
C ASP B 77 -34.95 14.73 0.95
N ALA B 78 -34.14 13.73 1.35
CA ALA B 78 -34.42 12.30 1.27
C ALA B 78 -33.81 11.58 2.48
N GLU B 79 -34.25 10.34 2.75
CA GLU B 79 -33.75 9.55 3.88
C GLU B 79 -32.48 8.76 3.57
N ARG B 80 -31.54 8.75 4.53
CA ARG B 80 -30.25 8.05 4.46
C ARG B 80 -30.43 6.52 4.40
N ALA B 81 -31.46 6.00 5.09
CA ALA B 81 -31.81 4.57 5.12
C ALA B 81 -32.15 4.01 3.73
N GLY B 82 -32.72 4.85 2.86
CA GLY B 82 -33.08 4.51 1.49
C GLY B 82 -31.91 4.35 0.55
N LEU B 83 -30.73 4.91 0.92
CA LEU B 83 -29.50 4.84 0.13
C LEU B 83 -28.94 3.42 0.12
N PHE B 84 -28.61 2.91 -1.08
CA PHE B 84 -28.06 1.57 -1.27
C PHE B 84 -26.94 1.54 -2.31
N VAL B 85 -25.93 0.69 -2.06
CA VAL B 85 -24.79 0.47 -2.93
C VAL B 85 -24.76 -1.04 -3.21
N ARG B 86 -24.64 -1.44 -4.50
CA ARG B 86 -24.60 -2.85 -4.90
C ARG B 86 -23.84 -3.12 -6.19
N THR B 87 -23.22 -4.32 -6.28
CA THR B 87 -22.49 -4.79 -7.46
C THR B 87 -23.28 -5.94 -8.08
N SER B 88 -23.16 -7.14 -7.51
CA SER B 88 -23.88 -8.35 -7.89
C SER B 88 -24.85 -8.69 -6.75
N ALA B 89 -24.47 -8.29 -5.53
CA ALA B 89 -25.19 -8.45 -4.27
C ALA B 89 -25.07 -7.13 -3.47
N PRO B 90 -25.96 -6.83 -2.48
CA PRO B 90 -25.86 -5.55 -1.76
C PRO B 90 -24.56 -5.36 -0.97
N CYS B 91 -23.97 -4.15 -1.07
CA CYS B 91 -22.73 -3.76 -0.39
C CYS B 91 -23.01 -3.20 1.00
N THR B 92 -22.04 -3.36 1.91
CA THR B 92 -22.14 -2.83 3.27
C THR B 92 -21.49 -1.43 3.29
N ILE B 93 -22.31 -0.38 3.50
CA ILE B 93 -21.84 1.00 3.56
C ILE B 93 -21.19 1.26 4.91
N THR B 94 -19.90 1.64 4.89
CA THR B 94 -19.11 1.92 6.09
C THR B 94 -19.03 3.40 6.47
N GLY B 95 -19.07 4.28 5.48
CA GLY B 95 -19.00 5.72 5.68
C GLY B 95 -19.71 6.54 4.63
N THR B 96 -20.39 7.62 5.07
CA THR B 96 -21.14 8.55 4.20
C THR B 96 -20.99 9.99 4.67
N MET B 97 -20.50 10.87 3.77
CA MET B 97 -20.33 12.31 4.01
C MET B 97 -20.21 13.07 2.68
N GLY B 98 -21.25 13.85 2.39
CA GLY B 98 -21.36 14.66 1.18
C GLY B 98 -21.44 13.83 -0.08
N HIS B 99 -20.54 14.11 -1.03
CA HIS B 99 -20.45 13.43 -2.32
C HIS B 99 -19.77 12.05 -2.23
N PHE B 100 -19.26 11.67 -1.05
CA PHE B 100 -18.51 10.42 -0.89
C PHE B 100 -19.14 9.30 -0.06
N ILE B 101 -19.05 8.06 -0.59
CA ILE B 101 -19.56 6.82 0.02
C ILE B 101 -18.42 5.80 0.12
N LEU B 102 -18.32 5.13 1.28
CA LEU B 102 -17.36 4.06 1.52
C LEU B 102 -18.16 2.76 1.61
N ALA B 103 -17.82 1.76 0.76
CA ALA B 103 -18.54 0.50 0.75
C ALA B 103 -17.66 -0.73 0.48
N ARG B 104 -17.99 -1.84 1.17
CA ARG B 104 -17.35 -3.14 1.00
C ARG B 104 -18.26 -3.94 0.08
N CYS B 105 -17.79 -4.18 -1.15
CA CYS B 105 -18.56 -4.86 -2.20
C CYS B 105 -18.07 -6.26 -2.56
N PRO B 106 -18.98 -7.22 -2.86
CA PRO B 106 -18.52 -8.53 -3.31
C PRO B 106 -18.12 -8.49 -4.79
N LYS B 107 -17.58 -9.60 -5.33
CA LYS B 107 -17.14 -9.72 -6.73
C LYS B 107 -18.30 -9.40 -7.70
N GLY B 108 -18.07 -8.40 -8.55
CA GLY B 108 -19.03 -7.94 -9.54
C GLY B 108 -18.41 -7.30 -10.76
N GLU B 109 -19.22 -7.11 -11.82
CA GLU B 109 -18.80 -6.51 -13.10
C GLU B 109 -19.31 -5.08 -13.30
N THR B 110 -20.38 -4.70 -12.57
CA THR B 110 -20.99 -3.36 -12.62
C THR B 110 -21.20 -2.82 -11.21
N LEU B 111 -21.17 -1.49 -11.04
CA LEU B 111 -21.40 -0.85 -9.75
C LEU B 111 -22.66 0.03 -9.81
N THR B 112 -23.59 -0.19 -8.87
CA THR B 112 -24.85 0.55 -8.78
C THR B 112 -24.99 1.25 -7.43
N VAL B 113 -25.34 2.54 -7.47
CA VAL B 113 -25.60 3.38 -6.30
C VAL B 113 -26.98 4.03 -6.48
N GLY B 114 -27.88 3.75 -5.54
CA GLY B 114 -29.24 4.27 -5.57
C GLY B 114 -29.77 4.78 -4.25
N PHE B 115 -30.97 5.39 -4.29
CA PHE B 115 -31.68 5.95 -3.14
C PHE B 115 -33.20 6.07 -3.43
N THR B 116 -33.99 6.39 -2.39
CA THR B 116 -35.44 6.59 -2.49
C THR B 116 -35.78 7.98 -1.96
N ASP B 117 -36.46 8.79 -2.79
CA ASP B 117 -36.84 10.16 -2.43
C ASP B 117 -38.10 10.23 -1.55
N SER B 118 -38.56 11.46 -1.24
CA SER B 118 -39.74 11.74 -0.41
C SER B 118 -41.06 11.24 -1.01
N ARG B 119 -41.12 11.09 -2.35
CA ARG B 119 -42.32 10.66 -3.07
C ARG B 119 -42.35 9.15 -3.39
N LYS B 120 -41.42 8.34 -2.79
CA LYS B 120 -41.31 6.88 -2.94
C LYS B 120 -40.59 6.40 -4.24
N ILE B 121 -40.24 7.33 -5.14
CA ILE B 121 -39.55 7.00 -6.42
C ILE B 121 -38.09 6.60 -6.16
N SER B 122 -37.66 5.46 -6.72
CA SER B 122 -36.30 4.95 -6.58
C SER B 122 -35.42 5.36 -7.76
N HIS B 123 -34.32 6.07 -7.48
CA HIS B 123 -33.36 6.54 -8.47
C HIS B 123 -32.04 5.78 -8.29
N SER B 124 -31.50 5.24 -9.39
CA SER B 124 -30.24 4.47 -9.38
C SER B 124 -29.33 4.84 -10.57
N CYS B 125 -28.04 4.49 -10.47
CA CYS B 125 -27.03 4.73 -11.51
C CYS B 125 -26.06 3.56 -11.60
N THR B 126 -25.95 2.94 -12.79
CA THR B 126 -25.08 1.80 -13.03
C THR B 126 -23.93 2.16 -13.98
N HIS B 127 -22.70 1.80 -13.57
CA HIS B 127 -21.46 2.01 -14.32
C HIS B 127 -20.73 0.67 -14.46
N PRO B 128 -20.08 0.38 -15.61
CA PRO B 128 -19.33 -0.89 -15.71
C PRO B 128 -18.01 -0.78 -14.94
N PHE B 129 -17.94 -1.43 -13.77
CA PHE B 129 -16.78 -1.42 -12.90
C PHE B 129 -16.36 -2.83 -12.49
N HIS B 130 -15.19 -3.28 -12.96
CA HIS B 130 -14.64 -4.60 -12.64
C HIS B 130 -14.11 -4.59 -11.20
N HIS B 131 -14.89 -5.19 -10.27
CA HIS B 131 -14.54 -5.28 -8.87
C HIS B 131 -14.16 -6.69 -8.45
N ASP B 132 -12.87 -6.87 -8.13
CA ASP B 132 -12.28 -8.13 -7.68
C ASP B 132 -11.12 -7.75 -6.73
N PRO B 133 -11.41 -7.51 -5.43
CA PRO B 133 -10.33 -7.09 -4.50
C PRO B 133 -9.19 -8.10 -4.37
N PRO B 134 -7.91 -7.63 -4.36
CA PRO B 134 -6.79 -8.57 -4.28
C PRO B 134 -6.66 -9.28 -2.93
N VAL B 135 -6.02 -10.45 -2.94
CA VAL B 135 -5.79 -11.25 -1.73
C VAL B 135 -4.65 -10.66 -0.89
N ILE B 136 -4.94 -10.33 0.38
CA ILE B 136 -3.96 -9.80 1.32
C ILE B 136 -3.31 -10.99 2.02
N GLY B 137 -2.05 -11.23 1.69
CA GLY B 137 -1.29 -12.35 2.23
C GLY B 137 -1.23 -13.53 1.29
N ARG B 138 -1.33 -14.75 1.85
CA ARG B 138 -1.25 -16.00 1.10
C ARG B 138 -2.47 -16.92 1.33
N GLU B 139 -3.53 -16.39 1.98
CA GLU B 139 -4.75 -17.14 2.27
C GLU B 139 -5.99 -16.37 1.83
N LYS B 140 -6.88 -17.03 1.06
CA LYS B 140 -8.12 -16.42 0.58
C LYS B 140 -9.24 -16.64 1.61
N PHE B 141 -9.31 -15.73 2.60
CA PHE B 141 -10.30 -15.76 3.67
C PHE B 141 -11.50 -14.84 3.40
N HIS B 142 -12.65 -15.15 4.01
CA HIS B 142 -13.88 -14.39 3.85
C HIS B 142 -14.12 -13.35 4.96
N SER B 143 -13.79 -13.69 6.22
CA SER B 143 -13.97 -12.81 7.37
C SER B 143 -12.64 -12.46 8.06
N ARG B 144 -12.47 -11.17 8.42
CA ARG B 144 -11.27 -10.66 9.07
C ARG B 144 -11.16 -11.07 10.56
N PRO B 145 -10.08 -11.76 11.00
CA PRO B 145 -9.99 -12.14 12.41
C PRO B 145 -9.46 -11.02 13.31
N GLN B 146 -9.74 -11.10 14.63
CA GLN B 146 -9.27 -10.13 15.62
C GLN B 146 -7.77 -10.27 15.84
N HIS B 147 -7.26 -11.52 15.78
CA HIS B 147 -5.84 -11.85 15.93
C HIS B 147 -5.34 -12.56 14.67
N GLY B 148 -4.09 -12.24 14.30
CA GLY B 148 -3.41 -12.82 13.15
C GLY B 148 -2.10 -12.12 12.83
N LYS B 149 -1.50 -12.47 11.69
CA LYS B 149 -0.25 -11.89 11.21
C LYS B 149 -0.53 -10.46 10.72
N GLU B 150 0.24 -9.49 11.24
CA GLU B 150 0.11 -8.08 10.86
C GLU B 150 0.77 -7.82 9.51
N LEU B 151 -0.04 -7.39 8.53
CA LEU B 151 0.42 -7.07 7.18
C LEU B 151 0.10 -5.62 6.82
N PRO B 152 1.00 -4.90 6.12
CA PRO B 152 0.68 -3.52 5.75
C PRO B 152 -0.37 -3.45 4.64
N CYS B 153 -1.49 -2.76 4.92
CA CYS B 153 -2.60 -2.59 4.00
C CYS B 153 -3.12 -1.15 4.02
N SER B 154 -3.84 -0.74 2.96
CA SER B 154 -4.41 0.60 2.87
C SER B 154 -5.93 0.57 2.91
N THR B 155 -6.53 1.62 3.48
CA THR B 155 -7.98 1.81 3.61
C THR B 155 -8.33 3.30 3.63
N TYR B 156 -9.60 3.61 3.36
CA TYR B 156 -10.10 4.98 3.43
C TYR B 156 -10.66 5.13 4.85
N VAL B 157 -10.00 5.97 5.67
CA VAL B 157 -10.37 6.19 7.08
C VAL B 157 -11.80 6.70 7.27
N GLN B 158 -12.53 6.10 8.23
CA GLN B 158 -13.93 6.40 8.57
C GLN B 158 -14.17 7.83 9.07
N SER B 159 -13.10 8.58 9.40
CA SER B 159 -13.13 9.95 9.92
C SER B 159 -13.84 10.94 8.99
N THR B 160 -14.70 11.78 9.56
CA THR B 160 -15.49 12.81 8.86
C THR B 160 -14.56 13.98 8.44
N ALA B 161 -13.50 14.23 9.23
CA ALA B 161 -12.51 15.30 9.03
C ALA B 161 -11.85 15.28 7.65
N ALA B 162 -11.93 16.43 6.95
CA ALA B 162 -11.36 16.65 5.63
C ALA B 162 -10.13 17.57 5.78
N THR B 163 -8.92 17.01 5.58
CA THR B 163 -7.66 17.75 5.75
C THR B 163 -6.64 17.61 4.62
N THR B 164 -6.48 16.41 4.03
CA THR B 164 -5.48 16.15 2.99
C THR B 164 -5.99 16.22 1.54
N GLU B 165 -6.86 15.26 1.14
CA GLU B 165 -7.41 15.15 -0.22
C GLU B 165 -8.36 16.31 -0.56
N GLU B 166 -8.47 16.62 -1.87
CA GLU B 166 -9.31 17.72 -2.37
C GLU B 166 -9.94 17.48 -3.76
N ILE B 167 -10.98 18.27 -4.10
CA ILE B 167 -11.69 18.25 -5.39
C ILE B 167 -11.86 19.69 -5.90
N GLU B 168 -12.00 19.86 -7.22
CA GLU B 168 -12.20 21.16 -7.83
C GLU B 168 -13.69 21.48 -7.92
N VAL B 169 -14.05 22.72 -7.57
CA VAL B 169 -15.44 23.21 -7.60
C VAL B 169 -15.53 24.51 -8.40
N HIS B 170 -16.65 24.73 -9.09
CA HIS B 170 -16.88 25.94 -9.88
C HIS B 170 -18.36 26.28 -9.99
N MET B 171 -18.68 27.42 -10.63
CA MET B 171 -20.05 27.89 -10.85
C MET B 171 -20.78 26.94 -11.80
N PRO B 172 -22.08 26.62 -11.56
CA PRO B 172 -22.79 25.71 -12.47
C PRO B 172 -23.12 26.35 -13.83
N PRO B 173 -23.33 25.56 -14.91
CA PRO B 173 -23.69 26.18 -16.19
C PRO B 173 -25.13 26.69 -16.19
N ASP B 174 -25.51 27.45 -17.23
CA ASP B 174 -26.87 27.99 -17.36
C ASP B 174 -27.84 26.82 -17.61
N THR B 175 -28.85 26.67 -16.73
CA THR B 175 -29.85 25.60 -16.76
C THR B 175 -30.98 25.92 -17.76
N PRO B 176 -31.07 25.21 -18.92
CA PRO B 176 -32.16 25.50 -19.86
C PRO B 176 -33.54 25.14 -19.31
N ASP B 177 -34.52 26.03 -19.54
CA ASP B 177 -35.89 25.85 -19.06
C ASP B 177 -36.87 26.43 -20.06
N ARG B 178 -37.62 25.55 -20.76
CA ARG B 178 -38.60 25.93 -21.78
C ARG B 178 -39.85 26.60 -21.19
N THR B 179 -40.14 26.36 -19.89
CA THR B 179 -41.28 26.93 -19.17
C THR B 179 -41.16 28.45 -18.96
N LEU B 180 -39.94 29.01 -19.12
CA LEU B 180 -39.65 30.45 -19.03
C LEU B 180 -40.30 31.21 -20.18
N MET B 181 -40.47 30.53 -21.33
CA MET B 181 -41.05 31.07 -22.55
C MET B 181 -42.50 30.62 -22.73
N SER B 182 -43.36 31.55 -23.17
CA SER B 182 -44.77 31.32 -23.42
C SER B 182 -45.24 32.05 -24.67
N GLN B 183 -46.24 31.49 -25.38
CA GLN B 183 -46.79 32.06 -26.60
C GLN B 183 -47.96 33.00 -26.26
N GLN B 184 -47.79 34.30 -26.59
CA GLN B 184 -48.80 35.33 -26.38
C GLN B 184 -49.27 35.89 -27.73
N SER B 185 -50.18 35.14 -28.39
CA SER B 185 -50.80 35.39 -29.71
C SER B 185 -50.56 36.78 -30.34
N GLY B 186 -49.55 36.91 -31.20
CA GLY B 186 -48.62 35.86 -31.59
C GLY B 186 -47.17 36.24 -31.33
N ASN B 187 -46.85 36.49 -30.04
CA ASN B 187 -45.53 36.90 -29.57
C ASN B 187 -44.97 35.91 -28.54
N VAL B 188 -43.69 36.07 -28.17
CA VAL B 188 -43.04 35.22 -27.18
C VAL B 188 -42.77 36.06 -25.92
N LYS B 189 -43.27 35.59 -24.77
CA LYS B 189 -43.06 36.27 -23.50
C LYS B 189 -42.10 35.46 -22.64
N ILE B 190 -41.09 36.15 -22.07
CA ILE B 190 -40.10 35.54 -21.18
C ILE B 190 -40.43 35.96 -19.74
N THR B 191 -40.92 35.01 -18.94
CA THR B 191 -41.28 35.26 -17.54
C THR B 191 -40.08 34.93 -16.66
N VAL B 192 -39.38 35.97 -16.22
CA VAL B 192 -38.16 35.91 -15.41
C VAL B 192 -38.30 35.24 -14.03
N ASN B 193 -39.38 35.58 -13.28
CA ASN B 193 -39.69 35.05 -11.94
C ASN B 193 -38.53 35.23 -10.92
N GLY B 194 -37.97 36.44 -10.89
CA GLY B 194 -36.88 36.83 -10.00
C GLY B 194 -35.56 36.12 -10.24
N GLN B 195 -35.30 35.69 -11.48
CA GLN B 195 -34.09 34.98 -11.87
C GLN B 195 -33.38 35.67 -13.04
N THR B 196 -32.06 35.48 -13.14
CA THR B 196 -31.24 36.03 -14.23
C THR B 196 -31.33 35.02 -15.37
N VAL B 197 -31.96 35.44 -16.50
CA VAL B 197 -32.20 34.58 -17.65
C VAL B 197 -31.37 34.98 -18.88
N ARG B 198 -30.68 34.01 -19.49
CA ARG B 198 -29.89 34.20 -20.71
C ARG B 198 -30.75 33.66 -21.86
N TYR B 199 -31.12 34.53 -22.81
CA TYR B 199 -31.99 34.18 -23.93
C TYR B 199 -31.39 34.43 -25.32
N LYS B 200 -31.97 33.77 -26.33
CA LYS B 200 -31.62 33.88 -27.75
C LYS B 200 -32.85 33.52 -28.58
N CYS B 201 -33.18 34.37 -29.57
CA CYS B 201 -34.33 34.17 -30.46
C CYS B 201 -33.97 34.32 -31.94
N ASN B 202 -34.62 33.50 -32.79
CA ASN B 202 -34.47 33.48 -34.25
C ASN B 202 -35.44 34.48 -34.91
N CYS B 203 -35.72 35.60 -34.21
CA CYS B 203 -36.64 36.63 -34.65
C CYS B 203 -35.99 38.01 -34.70
N GLY B 204 -36.48 38.87 -35.60
CA GLY B 204 -35.99 40.21 -35.82
C GLY B 204 -36.23 41.21 -34.70
N GLY B 205 -37.18 40.90 -33.81
CA GLY B 205 -37.55 41.73 -32.67
C GLY B 205 -36.42 41.91 -31.67
N SER B 206 -36.19 40.87 -30.83
CA SER B 206 -35.13 40.86 -29.82
C SER B 206 -33.95 40.01 -30.28
N ASN B 207 -32.73 40.46 -29.95
CA ASN B 207 -31.49 39.78 -30.32
C ASN B 207 -31.16 38.62 -29.37
N GLU B 208 -30.05 38.72 -28.61
CA GLU B 208 -29.55 37.73 -27.67
C GLU B 208 -28.79 38.45 -26.54
N GLY B 209 -29.11 38.09 -25.30
CA GLY B 209 -28.48 38.69 -24.13
C GLY B 209 -28.86 38.08 -22.80
N LEU B 210 -28.61 38.83 -21.72
CA LEU B 210 -28.88 38.47 -20.34
C LEU B 210 -29.92 39.43 -19.75
N THR B 211 -30.94 38.88 -19.06
CA THR B 211 -32.01 39.69 -18.48
C THR B 211 -32.47 39.27 -17.07
N THR B 212 -32.78 40.28 -16.25
CA THR B 212 -33.32 40.12 -14.89
C THR B 212 -34.76 40.68 -14.87
N THR B 213 -35.28 41.07 -16.05
N THR B 213 -35.26 41.07 -16.05
CA THR B 213 -36.62 41.62 -16.25
CA THR B 213 -36.59 41.65 -16.26
C THR B 213 -37.39 40.83 -17.31
C THR B 213 -37.39 40.87 -17.34
N ASP B 214 -38.74 40.93 -17.27
CA ASP B 214 -39.64 40.26 -18.22
C ASP B 214 -39.51 40.86 -19.62
N LYS B 215 -39.30 40.01 -20.63
CA LYS B 215 -39.13 40.43 -22.01
C LYS B 215 -40.23 39.91 -22.93
N VAL B 216 -40.49 40.66 -24.02
CA VAL B 216 -41.49 40.31 -25.03
C VAL B 216 -40.89 40.40 -26.44
N ILE B 217 -40.98 39.29 -27.21
CA ILE B 217 -40.45 39.20 -28.57
C ILE B 217 -41.62 39.31 -29.54
N ASN B 218 -41.81 40.51 -30.13
CA ASN B 218 -42.88 40.81 -31.08
C ASN B 218 -42.73 40.02 -32.37
N ASN B 219 -43.83 39.34 -32.80
CA ASN B 219 -43.92 38.48 -33.99
C ASN B 219 -42.84 37.39 -33.96
N CYS B 220 -42.99 36.44 -33.02
CA CYS B 220 -42.03 35.37 -32.80
C CYS B 220 -42.69 34.06 -32.37
N LYS B 221 -42.02 32.93 -32.66
CA LYS B 221 -42.48 31.58 -32.32
C LYS B 221 -41.65 31.02 -31.15
N VAL B 222 -42.29 30.25 -30.26
CA VAL B 222 -41.66 29.65 -29.08
C VAL B 222 -40.52 28.65 -29.43
N ASP B 223 -40.67 27.93 -30.57
CA ASP B 223 -39.68 26.97 -31.08
C ASP B 223 -38.44 27.68 -31.64
N GLN B 224 -38.59 28.97 -32.00
CA GLN B 224 -37.53 29.83 -32.53
C GLN B 224 -36.76 30.56 -31.40
N CYS B 225 -37.01 30.17 -30.13
CA CYS B 225 -36.39 30.78 -28.96
C CYS B 225 -35.80 29.76 -27.98
N HIS B 226 -34.75 30.18 -27.24
CA HIS B 226 -34.05 29.38 -26.23
C HIS B 226 -33.81 30.23 -24.98
N ALA B 227 -34.12 29.69 -23.78
CA ALA B 227 -33.95 30.39 -22.50
C ALA B 227 -33.33 29.49 -21.44
N ALA B 228 -32.44 30.07 -20.61
CA ALA B 228 -31.74 29.34 -19.55
C ALA B 228 -31.61 30.14 -18.26
N VAL B 229 -31.67 29.46 -17.10
CA VAL B 229 -31.55 30.08 -15.78
C VAL B 229 -30.06 30.12 -15.35
N THR B 230 -29.55 31.32 -15.04
CA THR B 230 -28.16 31.55 -14.59
C THR B 230 -28.08 31.43 -13.06
N ASN B 231 -27.02 30.77 -12.53
CA ASN B 231 -26.77 30.63 -11.09
C ASN B 231 -25.30 30.89 -10.74
N HIS B 232 -25.04 32.06 -10.15
CA HIS B 232 -23.70 32.49 -9.74
C HIS B 232 -23.56 32.57 -8.21
N LYS B 233 -24.57 32.06 -7.48
CA LYS B 233 -24.62 32.06 -6.02
C LYS B 233 -24.14 30.73 -5.39
N LYS B 234 -24.07 29.65 -6.18
CA LYS B 234 -23.67 28.32 -5.69
C LYS B 234 -22.45 27.73 -6.40
N TRP B 235 -21.79 26.76 -5.74
CA TRP B 235 -20.64 26.02 -6.26
C TRP B 235 -21.05 24.59 -6.58
N GLN B 236 -20.38 24.00 -7.58
CA GLN B 236 -20.64 22.64 -8.05
C GLN B 236 -19.32 21.98 -8.40
N TYR B 237 -19.19 20.66 -8.15
CA TYR B 237 -17.99 19.88 -8.47
C TYR B 237 -17.66 20.01 -9.96
N ASN B 238 -16.36 20.15 -10.30
CA ASN B 238 -15.87 20.25 -11.68
C ASN B 238 -16.05 18.88 -12.35
N SER B 239 -17.30 18.58 -12.73
CA SER B 239 -17.73 17.31 -13.32
C SER B 239 -17.58 17.23 -14.84
N PRO B 240 -16.98 16.14 -15.37
CA PRO B 240 -16.89 15.98 -16.84
C PRO B 240 -18.23 15.61 -17.47
N LEU B 241 -19.25 15.29 -16.63
CA LEU B 241 -20.60 14.90 -17.05
C LEU B 241 -21.57 16.09 -17.08
N VAL B 242 -21.06 17.29 -16.75
CA VAL B 242 -21.82 18.56 -16.70
C VAL B 242 -21.06 19.59 -17.56
N PRO B 243 -21.72 20.43 -18.39
CA PRO B 243 -20.97 21.42 -19.20
C PRO B 243 -20.35 22.53 -18.36
N ARG B 244 -19.23 23.09 -18.85
CA ARG B 244 -18.51 24.19 -18.21
C ARG B 244 -19.28 25.49 -18.40
N ASN B 245 -19.19 26.43 -17.43
CA ASN B 245 -19.85 27.72 -17.52
C ASN B 245 -19.21 28.49 -18.67
N ALA B 246 -19.99 28.72 -19.75
CA ALA B 246 -19.57 29.36 -21.00
C ALA B 246 -18.90 30.72 -20.85
N GLU B 247 -19.37 31.57 -19.91
CA GLU B 247 -18.83 32.91 -19.68
C GLU B 247 -17.55 32.93 -18.83
N LEU B 248 -17.58 32.28 -17.65
CA LEU B 248 -16.43 32.25 -16.73
C LEU B 248 -15.33 31.29 -17.23
N GLY B 249 -15.66 30.01 -17.37
CA GLY B 249 -14.77 28.98 -17.87
C GLY B 249 -13.70 28.51 -16.91
N ASP B 250 -12.50 29.13 -17.00
CA ASP B 250 -11.33 28.79 -16.19
C ASP B 250 -11.43 29.13 -14.69
N ARG B 251 -12.44 29.94 -14.30
CA ARG B 251 -12.67 30.34 -12.90
C ARG B 251 -13.09 29.12 -12.08
N LYS B 252 -12.28 28.78 -11.05
CA LYS B 252 -12.53 27.61 -10.21
C LYS B 252 -12.09 27.78 -8.76
N GLY B 253 -12.66 26.95 -7.89
CA GLY B 253 -12.36 26.86 -6.46
C GLY B 253 -11.98 25.44 -6.10
N LYS B 254 -11.61 25.22 -4.82
CA LYS B 254 -11.24 23.90 -4.33
C LYS B 254 -11.68 23.67 -2.88
N ILE B 255 -12.15 22.45 -2.58
CA ILE B 255 -12.61 22.08 -1.24
C ILE B 255 -11.99 20.76 -0.78
N HIS B 256 -11.70 20.63 0.53
CA HIS B 256 -11.16 19.40 1.10
C HIS B 256 -12.26 18.34 1.17
N ILE B 257 -11.88 17.07 0.96
CA ILE B 257 -12.84 15.95 0.95
C ILE B 257 -12.60 14.91 2.05
N PRO B 258 -13.66 14.27 2.60
CA PRO B 258 -13.45 13.28 3.66
C PRO B 258 -12.92 11.93 3.16
N PHE B 259 -12.61 11.04 4.11
CA PHE B 259 -12.12 9.67 3.91
C PHE B 259 -10.83 9.54 3.05
N PRO B 260 -9.67 10.10 3.46
CA PRO B 260 -8.45 9.94 2.66
C PRO B 260 -7.84 8.54 2.81
N LEU B 261 -7.03 8.11 1.82
CA LEU B 261 -6.36 6.82 1.85
C LEU B 261 -5.21 6.88 2.86
N ALA B 262 -5.14 5.88 3.75
CA ALA B 262 -4.13 5.81 4.80
C ALA B 262 -3.51 4.43 4.97
N ASN B 263 -2.23 4.40 5.36
CA ASN B 263 -1.47 3.18 5.61
C ASN B 263 -1.83 2.62 7.00
N VAL B 264 -2.43 1.43 7.03
CA VAL B 264 -2.86 0.77 8.27
C VAL B 264 -2.34 -0.68 8.36
N THR B 265 -2.82 -1.44 9.35
CA THR B 265 -2.46 -2.85 9.55
C THR B 265 -3.65 -3.78 9.35
N CYS B 266 -3.46 -4.84 8.57
CA CYS B 266 -4.48 -5.84 8.28
C CYS B 266 -4.14 -7.17 8.95
N ARG B 267 -5.10 -7.73 9.71
CA ARG B 267 -4.92 -9.00 10.41
C ARG B 267 -5.30 -10.14 9.48
N VAL B 268 -4.35 -11.05 9.23
CA VAL B 268 -4.57 -12.23 8.36
C VAL B 268 -4.49 -13.54 9.14
N PRO B 269 -5.44 -14.48 8.94
CA PRO B 269 -5.37 -15.74 9.70
C PRO B 269 -4.30 -16.70 9.22
N LYS B 270 -3.76 -17.51 10.15
CA LYS B 270 -2.75 -18.52 9.86
C LYS B 270 -3.44 -19.88 9.82
N ALA B 271 -3.33 -20.58 8.66
CA ALA B 271 -3.93 -21.90 8.44
C ALA B 271 -3.38 -22.93 9.42
N ARG B 272 -4.25 -23.86 9.88
CA ARG B 272 -3.85 -24.90 10.84
C ARG B 272 -2.70 -25.76 10.33
N ASN B 273 -1.70 -26.02 11.20
CA ASN B 273 -0.49 -26.79 10.90
C ASN B 273 -0.82 -28.19 10.34
N PRO B 274 -0.28 -28.54 9.14
CA PRO B 274 -0.59 -29.86 8.57
C PRO B 274 0.15 -31.00 9.26
N THR B 275 -0.45 -32.21 9.24
CA THR B 275 0.15 -33.42 9.82
C THR B 275 1.34 -33.84 8.96
N VAL B 276 2.53 -33.89 9.57
CA VAL B 276 3.78 -34.20 8.87
C VAL B 276 4.41 -35.56 9.22
N THR B 277 4.74 -36.36 8.18
CA THR B 277 5.39 -37.66 8.27
C THR B 277 6.70 -37.60 7.49
N TYR B 278 7.83 -37.93 8.15
CA TYR B 278 9.16 -37.86 7.54
C TYR B 278 9.62 -39.17 6.90
N GLY B 279 10.35 -39.05 5.81
CA GLY B 279 10.92 -40.15 5.05
C GLY B 279 12.38 -39.91 4.69
N LYS B 280 13.02 -40.89 4.01
CA LYS B 280 14.42 -40.81 3.60
C LYS B 280 14.61 -39.75 2.50
N ASN B 281 15.26 -38.62 2.86
CA ASN B 281 15.53 -37.44 2.01
C ASN B 281 14.25 -36.82 1.40
N GLN B 282 13.11 -37.01 2.08
CA GLN B 282 11.79 -36.51 1.66
C GLN B 282 10.86 -36.19 2.83
N VAL B 283 9.87 -35.31 2.59
CA VAL B 283 8.88 -34.87 3.57
C VAL B 283 7.45 -35.00 3.01
N ILE B 284 6.53 -35.58 3.80
CA ILE B 284 5.13 -35.79 3.42
C ILE B 284 4.21 -34.96 4.32
N MET B 285 3.37 -34.11 3.70
CA MET B 285 2.45 -33.22 4.41
C MET B 285 1.00 -33.43 3.98
N LEU B 286 0.10 -33.68 4.95
CA LEU B 286 -1.33 -33.85 4.71
C LEU B 286 -2.01 -32.52 5.00
N LEU B 287 -2.24 -31.73 3.94
CA LEU B 287 -2.83 -30.38 4.02
C LEU B 287 -4.36 -30.42 4.11
N TYR B 288 -4.91 -29.77 5.15
CA TYR B 288 -6.37 -29.68 5.39
C TYR B 288 -6.82 -28.21 5.38
N PRO B 289 -7.02 -27.59 4.20
CA PRO B 289 -7.42 -26.17 4.17
C PRO B 289 -8.92 -25.92 4.27
N ASP B 290 -9.31 -24.92 5.08
CA ASP B 290 -10.69 -24.51 5.28
C ASP B 290 -11.10 -23.48 4.22
N HIS B 291 -10.10 -22.88 3.55
CA HIS B 291 -10.22 -21.86 2.51
C HIS B 291 -8.99 -21.94 1.56
N PRO B 292 -9.00 -21.33 0.33
CA PRO B 292 -7.80 -21.43 -0.55
C PRO B 292 -6.53 -20.90 0.11
N THR B 293 -5.53 -21.78 0.22
CA THR B 293 -4.24 -21.50 0.87
C THR B 293 -3.07 -21.72 -0.11
N LEU B 294 -2.13 -20.75 -0.17
CA LEU B 294 -0.94 -20.81 -1.02
C LEU B 294 0.12 -21.70 -0.38
N LEU B 295 0.62 -22.67 -1.14
CA LEU B 295 1.68 -23.59 -0.72
C LEU B 295 2.90 -23.29 -1.60
N SER B 296 4.02 -22.87 -0.97
CA SER B 296 5.26 -22.54 -1.66
C SER B 296 6.45 -23.22 -1.01
N TYR B 297 7.47 -23.57 -1.83
CA TYR B 297 8.69 -24.22 -1.36
C TYR B 297 9.93 -23.89 -2.18
N ARG B 298 11.09 -23.93 -1.51
CA ARG B 298 12.40 -23.62 -2.10
C ARG B 298 13.54 -24.38 -1.41
N ASN B 299 14.63 -24.64 -2.15
CA ASN B 299 15.83 -25.28 -1.64
C ASN B 299 16.71 -24.18 -1.04
N MET B 300 17.35 -24.45 0.10
CA MET B 300 18.19 -23.48 0.80
C MET B 300 19.68 -23.52 0.39
N GLY B 301 19.91 -23.65 -0.91
CA GLY B 301 21.25 -23.69 -1.50
C GLY B 301 21.41 -22.77 -2.70
N GLU B 302 22.36 -23.13 -3.60
CA GLU B 302 22.69 -22.38 -4.81
C GLU B 302 21.49 -22.29 -5.78
N GLU B 303 20.81 -23.43 -6.03
CA GLU B 303 19.65 -23.51 -6.91
C GLU B 303 18.39 -23.59 -6.03
N PRO B 304 17.61 -22.49 -5.89
CA PRO B 304 16.41 -22.54 -5.04
C PRO B 304 15.25 -23.36 -5.61
N ASN B 305 15.07 -23.32 -6.96
CA ASN B 305 14.02 -24.02 -7.70
C ASN B 305 12.63 -23.81 -7.06
N TYR B 306 12.20 -22.54 -6.98
CA TYR B 306 10.94 -22.12 -6.40
C TYR B 306 9.74 -22.69 -7.12
N GLN B 307 8.78 -23.23 -6.35
CA GLN B 307 7.53 -23.80 -6.86
C GLN B 307 6.37 -23.32 -5.98
N GLU B 308 5.22 -23.02 -6.61
CA GLU B 308 4.03 -22.54 -5.90
C GLU B 308 2.73 -23.13 -6.44
N GLU B 309 1.76 -23.38 -5.53
CA GLU B 309 0.44 -23.92 -5.86
C GLU B 309 -0.62 -23.52 -4.82
N TRP B 310 -1.83 -23.20 -5.30
CA TRP B 310 -2.96 -22.83 -4.46
C TRP B 310 -3.75 -24.10 -4.12
N VAL B 311 -3.72 -24.51 -2.84
CA VAL B 311 -4.40 -25.72 -2.37
C VAL B 311 -5.85 -25.37 -2.00
N MET B 312 -6.82 -26.06 -2.63
CA MET B 312 -8.26 -25.82 -2.44
C MET B 312 -8.92 -26.84 -1.51
N HIS B 313 -8.64 -28.14 -1.72
CA HIS B 313 -9.21 -29.25 -0.95
C HIS B 313 -8.14 -30.05 -0.17
N LYS B 314 -8.55 -31.14 0.53
CA LYS B 314 -7.67 -32.03 1.30
C LYS B 314 -6.68 -32.69 0.34
N LYS B 315 -5.38 -32.38 0.52
CA LYS B 315 -4.32 -32.87 -0.36
C LYS B 315 -3.08 -33.32 0.40
N GLU B 316 -2.45 -34.41 -0.09
CA GLU B 316 -1.21 -34.97 0.47
C GLU B 316 -0.08 -34.63 -0.51
N VAL B 317 0.97 -33.94 -0.02
CA VAL B 317 2.11 -33.52 -0.84
C VAL B 317 3.43 -34.20 -0.48
N VAL B 318 4.14 -34.72 -1.48
CA VAL B 318 5.45 -35.39 -1.33
C VAL B 318 6.52 -34.42 -1.84
N LEU B 319 7.40 -33.96 -0.93
CA LEU B 319 8.46 -33.00 -1.23
C LEU B 319 9.84 -33.56 -0.87
N THR B 320 10.78 -33.51 -1.83
CA THR B 320 12.15 -34.00 -1.62
C THR B 320 12.98 -32.98 -0.85
N VAL B 321 13.62 -33.41 0.26
CA VAL B 321 14.47 -32.56 1.11
C VAL B 321 15.94 -32.76 0.72
N PRO B 322 16.61 -31.75 0.13
CA PRO B 322 18.03 -31.93 -0.25
C PRO B 322 19.00 -31.65 0.89
N THR B 323 20.31 -31.84 0.64
CA THR B 323 21.40 -31.62 1.60
C THR B 323 21.45 -30.17 2.11
N GLU B 324 21.15 -29.20 1.22
CA GLU B 324 21.13 -27.76 1.52
C GLU B 324 19.97 -27.39 2.45
N GLY B 325 18.87 -28.13 2.35
CA GLY B 325 17.66 -27.92 3.14
C GLY B 325 16.49 -27.45 2.32
N LEU B 326 15.27 -27.66 2.83
CA LEU B 326 14.03 -27.27 2.15
C LEU B 326 13.17 -26.38 3.06
N GLU B 327 12.79 -25.20 2.55
CA GLU B 327 11.95 -24.24 3.25
C GLU B 327 10.55 -24.30 2.68
N VAL B 328 9.56 -24.67 3.50
CA VAL B 328 8.15 -24.80 3.09
C VAL B 328 7.31 -23.72 3.78
N THR B 329 6.55 -22.96 2.98
CA THR B 329 5.66 -21.92 3.50
C THR B 329 4.21 -22.30 3.21
N TRP B 330 3.41 -22.52 4.27
CA TRP B 330 2.01 -22.88 4.19
C TRP B 330 1.12 -21.71 4.61
N GLY B 331 0.69 -20.94 3.63
CA GLY B 331 -0.14 -19.76 3.81
C GLY B 331 0.55 -18.62 4.52
N ASN B 332 -0.14 -18.02 5.50
CA ASN B 332 0.36 -16.90 6.31
C ASN B 332 1.26 -17.34 7.47
N ASN B 333 1.41 -18.66 7.69
CA ASN B 333 2.27 -19.23 8.74
C ASN B 333 3.73 -18.94 8.44
N GLU B 334 4.57 -18.90 9.49
CA GLU B 334 6.03 -18.70 9.37
C GLU B 334 6.63 -19.92 8.65
N PRO B 335 7.63 -19.74 7.75
CA PRO B 335 8.16 -20.88 6.99
C PRO B 335 8.77 -22.01 7.82
N TYR B 336 8.40 -23.27 7.48
CA TYR B 336 8.93 -24.46 8.13
C TYR B 336 10.20 -24.86 7.39
N LYS B 337 11.32 -25.00 8.12
CA LYS B 337 12.61 -25.37 7.53
C LYS B 337 12.91 -26.84 7.81
N TYR B 338 13.33 -27.59 6.78
CA TYR B 338 13.62 -29.01 6.89
C TYR B 338 15.04 -29.34 6.43
N TRP B 339 15.72 -30.25 7.15
CA TRP B 339 17.08 -30.70 6.88
C TRP B 339 17.22 -32.21 7.08
N PRO B 340 18.00 -32.94 6.24
CA PRO B 340 18.15 -34.39 6.48
C PRO B 340 19.19 -34.71 7.56
N GLN B 341 18.95 -35.78 8.33
CA GLN B 341 19.82 -36.24 9.42
C GLN B 341 21.12 -36.84 8.88
N TYR C 23 45.59 -12.20 24.29
CA TYR C 23 45.75 -13.30 23.35
C TYR C 23 44.70 -13.23 22.25
N GLU C 24 45.16 -13.17 20.98
CA GLU C 24 44.27 -13.09 19.81
C GLU C 24 43.92 -14.49 19.30
N HIS C 25 42.64 -14.87 19.44
CA HIS C 25 42.12 -16.15 18.98
C HIS C 25 41.37 -15.96 17.66
N VAL C 26 41.91 -16.56 16.59
CA VAL C 26 41.34 -16.49 15.24
C VAL C 26 40.63 -17.82 14.93
N THR C 27 39.36 -17.74 14.52
CA THR C 27 38.54 -18.90 14.18
C THR C 27 37.62 -18.58 12.99
N VAL C 28 37.07 -19.61 12.33
CA VAL C 28 36.16 -19.45 11.19
C VAL C 28 34.95 -20.37 11.41
N ILE C 29 33.73 -19.79 11.34
CA ILE C 29 32.47 -20.53 11.49
C ILE C 29 31.63 -20.45 10.21
N PRO C 30 30.83 -21.48 9.85
CA PRO C 30 30.00 -21.38 8.64
C PRO C 30 28.93 -20.30 8.80
N ASN C 31 28.56 -19.63 7.70
CA ASN C 31 27.56 -18.57 7.70
C ASN C 31 26.13 -19.16 7.82
N THR C 32 25.83 -19.74 8.99
CA THR C 32 24.53 -20.35 9.32
C THR C 32 24.06 -19.81 10.66
N VAL C 33 22.86 -19.23 10.69
CA VAL C 33 22.22 -18.63 11.86
C VAL C 33 21.43 -19.68 12.67
N GLY C 34 21.58 -19.61 13.99
CA GLY C 34 20.89 -20.49 14.93
C GLY C 34 21.62 -21.77 15.28
N VAL C 35 22.90 -21.87 14.92
CA VAL C 35 23.72 -23.06 15.20
C VAL C 35 24.86 -22.68 16.17
N PRO C 36 24.89 -23.26 17.40
CA PRO C 36 25.98 -22.90 18.33
C PRO C 36 27.26 -23.68 18.01
N TYR C 37 28.35 -22.94 17.73
CA TYR C 37 29.66 -23.50 17.40
C TYR C 37 30.61 -23.38 18.58
N LYS C 38 31.43 -24.41 18.80
CA LYS C 38 32.40 -24.46 19.90
C LYS C 38 33.82 -24.27 19.40
N THR C 39 34.59 -23.42 20.10
CA THR C 39 35.99 -23.15 19.79
C THR C 39 36.88 -23.29 21.03
N LEU C 40 37.99 -24.02 20.88
CA LEU C 40 38.93 -24.22 21.98
C LEU C 40 40.07 -23.22 21.89
N VAL C 41 40.24 -22.44 22.98
CA VAL C 41 41.30 -21.44 23.11
C VAL C 41 42.40 -22.07 23.96
N ASN C 42 43.49 -22.50 23.31
CA ASN C 42 44.62 -23.12 23.99
C ASN C 42 45.87 -22.23 23.96
N ARG C 43 45.93 -21.29 24.91
CA ARG C 43 47.06 -20.38 25.07
C ARG C 43 48.19 -21.15 25.75
N PRO C 44 49.39 -21.25 25.13
CA PRO C 44 50.49 -22.04 25.74
C PRO C 44 50.87 -21.59 27.15
N GLY C 45 50.88 -22.54 28.08
CA GLY C 45 51.19 -22.33 29.49
C GLY C 45 49.99 -21.94 30.32
N TYR C 46 48.81 -21.81 29.68
CA TYR C 46 47.55 -21.42 30.33
C TYR C 46 46.46 -22.46 30.11
N SER C 47 45.59 -22.65 31.12
CA SER C 47 44.48 -23.61 31.11
C SER C 47 43.54 -23.36 29.91
N PRO C 48 43.09 -24.43 29.20
CA PRO C 48 42.21 -24.23 28.03
C PRO C 48 40.90 -23.50 28.33
N MET C 49 40.40 -22.75 27.34
CA MET C 49 39.19 -21.96 27.43
C MET C 49 38.24 -22.36 26.29
N VAL C 50 36.97 -22.62 26.61
CA VAL C 50 35.98 -22.99 25.60
C VAL C 50 34.97 -21.86 25.42
N LEU C 51 34.84 -21.38 24.18
CA LEU C 51 33.89 -20.31 23.82
C LEU C 51 32.82 -20.86 22.89
N GLU C 52 31.55 -20.53 23.18
CA GLU C 52 30.42 -20.92 22.36
C GLU C 52 29.97 -19.70 21.57
N MET C 53 29.93 -19.83 20.23
CA MET C 53 29.54 -18.74 19.33
C MET C 53 28.32 -19.14 18.50
N GLU C 54 27.31 -18.26 18.44
CA GLU C 54 26.09 -18.48 17.68
C GLU C 54 25.67 -17.20 16.99
N LEU C 55 25.46 -17.28 15.66
CA LEU C 55 25.01 -16.14 14.86
C LEU C 55 23.52 -15.94 15.04
N LEU C 56 23.12 -14.77 15.53
CA LEU C 56 21.72 -14.42 15.77
C LEU C 56 21.09 -13.91 14.47
N SER C 57 21.86 -13.12 13.70
CA SER C 57 21.46 -12.55 12.41
C SER C 57 22.66 -12.10 11.58
N VAL C 58 22.59 -12.32 10.25
CA VAL C 58 23.60 -11.90 9.28
C VAL C 58 22.87 -11.03 8.26
N THR C 59 23.20 -9.72 8.25
CA THR C 59 22.54 -8.72 7.42
C THR C 59 23.41 -8.22 6.27
N LEU C 60 22.86 -8.23 5.04
CA LEU C 60 23.49 -7.73 3.83
C LEU C 60 22.62 -6.58 3.31
N GLU C 61 23.01 -5.34 3.64
CA GLU C 61 22.29 -4.13 3.27
C GLU C 61 22.88 -3.48 1.99
N PRO C 62 22.20 -3.57 0.83
CA PRO C 62 22.74 -2.94 -0.38
C PRO C 62 22.61 -1.42 -0.36
N THR C 63 23.55 -0.73 -1.02
CA THR C 63 23.54 0.73 -1.14
C THR C 63 22.51 1.05 -2.23
N LEU C 64 21.45 1.77 -1.87
CA LEU C 64 20.37 2.10 -2.79
C LEU C 64 20.37 3.51 -3.31
N SER C 65 20.01 3.65 -4.59
CA SER C 65 19.88 4.92 -5.28
C SER C 65 18.53 4.91 -5.99
N LEU C 66 17.59 5.72 -5.50
CA LEU C 66 16.24 5.81 -6.05
C LEU C 66 16.24 6.47 -7.42
N ASP C 67 15.73 5.75 -8.43
CA ASP C 67 15.60 6.26 -9.80
C ASP C 67 14.29 7.04 -9.88
N TYR C 68 13.17 6.35 -9.59
CA TYR C 68 11.83 6.91 -9.60
C TYR C 68 10.87 6.01 -8.83
N ILE C 69 9.66 6.53 -8.60
CA ILE C 69 8.56 5.80 -7.99
C ILE C 69 7.42 5.73 -9.01
N THR C 70 6.56 4.72 -8.89
CA THR C 70 5.37 4.58 -9.71
C THR C 70 4.17 4.29 -8.83
N CYS C 71 2.98 4.67 -9.30
CA CYS C 71 1.73 4.51 -8.56
C CYS C 71 0.56 4.53 -9.53
N GLU C 72 -0.68 4.58 -9.00
CA GLU C 72 -1.87 4.66 -9.84
C GLU C 72 -1.97 6.08 -10.37
N TYR C 73 -2.22 6.24 -11.67
CA TYR C 73 -2.34 7.57 -12.26
C TYR C 73 -3.76 8.12 -12.07
N LYS C 74 -3.92 9.44 -12.24
CA LYS C 74 -5.20 10.12 -12.16
C LYS C 74 -5.43 10.84 -13.49
N THR C 75 -6.57 10.55 -14.15
CA THR C 75 -6.93 11.21 -15.39
C THR C 75 -7.81 12.41 -15.01
N VAL C 76 -7.20 13.61 -14.98
CA VAL C 76 -7.89 14.84 -14.62
C VAL C 76 -8.68 15.33 -15.81
N ILE C 77 -10.02 15.23 -15.70
CA ILE C 77 -10.95 15.64 -16.75
C ILE C 77 -11.90 16.73 -16.21
N PRO C 78 -11.70 18.01 -16.57
CA PRO C 78 -12.64 19.04 -16.10
C PRO C 78 -13.94 19.04 -16.91
N SER C 79 -14.87 19.95 -16.57
CA SER C 79 -16.13 20.11 -17.27
C SER C 79 -15.84 20.48 -18.73
N PRO C 80 -16.41 19.77 -19.72
CA PRO C 80 -16.13 20.09 -21.13
C PRO C 80 -16.70 21.44 -21.54
N TYR C 81 -15.93 22.23 -22.30
CA TYR C 81 -16.40 23.52 -22.76
C TYR C 81 -17.31 23.37 -23.97
N VAL C 82 -18.63 23.42 -23.72
CA VAL C 82 -19.65 23.32 -24.76
C VAL C 82 -19.91 24.74 -25.27
N LYS C 83 -19.47 25.03 -26.49
CA LYS C 83 -19.67 26.33 -27.12
C LYS C 83 -20.88 26.28 -28.04
N CYS C 84 -21.96 26.95 -27.63
CA CYS C 84 -23.20 27.04 -28.41
C CYS C 84 -23.05 28.15 -29.43
N CYS C 85 -23.43 27.87 -30.69
CA CYS C 85 -23.39 28.80 -31.83
C CYS C 85 -21.99 29.40 -32.05
N GLY C 86 -20.99 28.52 -32.13
CA GLY C 86 -19.60 28.92 -32.33
C GLY C 86 -18.59 27.80 -32.27
N THR C 87 -17.30 28.16 -32.46
CA THR C 87 -16.17 27.24 -32.47
C THR C 87 -15.20 27.49 -31.31
N ALA C 88 -15.00 26.46 -30.48
CA ALA C 88 -14.05 26.48 -29.38
C ALA C 88 -12.67 26.14 -29.94
N GLU C 89 -11.59 26.68 -29.36
CA GLU C 89 -10.24 26.41 -29.86
C GLU C 89 -9.32 25.80 -28.81
N CYS C 90 -8.63 24.71 -29.19
CA CYS C 90 -7.66 24.01 -28.34
C CYS C 90 -6.31 24.72 -28.39
N LYS C 91 -5.65 24.82 -27.24
CA LYS C 91 -4.31 25.40 -27.11
C LYS C 91 -3.37 24.35 -26.52
N ASP C 92 -2.09 24.37 -26.91
CA ASP C 92 -1.11 23.40 -26.41
C ASP C 92 -0.71 23.74 -24.97
N LYS C 93 -1.07 22.86 -24.04
CA LYS C 93 -0.78 23.01 -22.61
C LYS C 93 0.36 22.07 -22.17
N ASN C 94 1.30 22.60 -21.36
CA ASN C 94 2.45 21.84 -20.87
C ASN C 94 2.06 20.99 -19.65
N LEU C 95 1.27 19.93 -19.90
CA LEU C 95 0.77 18.99 -18.90
C LEU C 95 1.02 17.54 -19.36
N PRO C 96 1.27 16.58 -18.43
CA PRO C 96 1.55 15.20 -18.87
C PRO C 96 0.35 14.53 -19.54
N ASP C 97 0.56 14.00 -20.76
CA ASP C 97 -0.45 13.36 -21.63
C ASP C 97 -1.64 14.27 -21.91
N TYR C 98 -1.39 15.58 -22.08
CA TYR C 98 -2.44 16.56 -22.34
C TYR C 98 -3.11 16.28 -23.67
N SER C 99 -4.43 16.09 -23.63
CA SER C 99 -5.26 15.80 -24.79
C SER C 99 -6.35 16.84 -24.93
N CYS C 100 -6.54 17.36 -26.15
CA CYS C 100 -7.55 18.35 -26.48
C CYS C 100 -8.13 18.09 -27.86
N LYS C 101 -9.47 18.06 -27.94
CA LYS C 101 -10.21 17.84 -29.19
C LYS C 101 -11.48 18.69 -29.23
N VAL C 102 -11.78 19.25 -30.40
CA VAL C 102 -12.98 20.06 -30.63
C VAL C 102 -13.88 19.30 -31.60
N PHE C 103 -15.07 18.90 -31.10
CA PHE C 103 -16.06 18.14 -31.87
C PHE C 103 -17.16 19.07 -32.40
N THR C 104 -17.40 19.02 -33.72
CA THR C 104 -18.41 19.82 -34.42
C THR C 104 -19.72 19.03 -34.57
N GLY C 105 -20.82 19.75 -34.85
CA GLY C 105 -22.15 19.16 -35.03
C GLY C 105 -22.72 18.57 -33.76
N VAL C 106 -22.30 19.10 -32.61
CA VAL C 106 -22.69 18.69 -31.27
C VAL C 106 -24.03 19.34 -30.88
N TYR C 107 -24.97 18.54 -30.36
CA TYR C 107 -26.28 19.02 -29.91
C TYR C 107 -26.61 18.38 -28.56
N PRO C 108 -26.04 18.89 -27.44
CA PRO C 108 -26.32 18.25 -26.14
C PRO C 108 -27.63 18.67 -25.49
N PHE C 109 -28.11 17.82 -24.56
CA PHE C 109 -29.34 18.02 -23.80
C PHE C 109 -29.09 18.00 -22.30
N MET C 110 -29.88 18.80 -21.56
CA MET C 110 -29.88 18.87 -20.10
C MET C 110 -31.29 18.46 -19.63
N TRP C 111 -31.63 18.66 -18.33
CA TRP C 111 -32.95 18.26 -17.83
C TRP C 111 -34.12 18.98 -18.52
N GLY C 112 -34.01 20.31 -18.66
CA GLY C 112 -35.05 21.14 -19.26
C GLY C 112 -35.05 21.26 -20.77
N GLY C 113 -34.29 20.40 -21.44
CA GLY C 113 -34.19 20.37 -22.90
C GLY C 113 -32.80 20.62 -23.44
N ALA C 114 -32.72 21.15 -24.68
CA ALA C 114 -31.48 21.44 -25.38
C ALA C 114 -30.67 22.55 -24.70
N TYR C 115 -29.36 22.32 -24.57
CA TYR C 115 -28.42 23.26 -23.95
C TYR C 115 -28.04 24.39 -24.91
N CYS C 116 -28.06 24.13 -26.23
CA CYS C 116 -27.71 25.10 -27.27
C CYS C 116 -28.89 25.49 -28.16
N PHE C 117 -28.89 26.76 -28.62
CA PHE C 117 -29.90 27.31 -29.53
C PHE C 117 -29.74 26.75 -30.94
N CYS C 118 -28.51 26.77 -31.48
CA CYS C 118 -28.17 26.29 -32.82
C CYS C 118 -28.27 24.78 -32.95
N ASP C 119 -28.56 24.28 -34.17
CA ASP C 119 -28.71 22.86 -34.44
C ASP C 119 -27.40 22.20 -34.91
N ALA C 120 -26.71 22.82 -35.89
CA ALA C 120 -25.47 22.29 -36.47
C ALA C 120 -24.23 23.20 -36.30
N GLU C 121 -24.37 24.33 -35.58
CA GLU C 121 -23.28 25.29 -35.39
C GLU C 121 -22.62 25.29 -33.99
N ASN C 122 -22.79 24.20 -33.22
CA ASN C 122 -22.21 24.10 -31.87
C ASN C 122 -21.00 23.18 -31.82
N THR C 123 -20.05 23.48 -30.92
CA THR C 123 -18.82 22.71 -30.73
C THR C 123 -18.61 22.35 -29.25
N GLN C 124 -17.93 21.21 -28.99
CA GLN C 124 -17.58 20.79 -27.64
C GLN C 124 -16.08 20.60 -27.55
N LEU C 125 -15.45 21.28 -26.58
CA LEU C 125 -14.02 21.18 -26.33
C LEU C 125 -13.82 20.19 -25.17
N SER C 126 -13.15 19.06 -25.47
CA SER C 126 -12.83 18.04 -24.49
C SER C 126 -11.38 18.21 -24.07
N GLU C 127 -11.13 18.21 -22.75
CA GLU C 127 -9.81 18.39 -22.15
C GLU C 127 -9.52 17.32 -21.12
N ALA C 128 -8.29 16.80 -21.14
CA ALA C 128 -7.81 15.77 -20.21
C ALA C 128 -6.29 15.77 -20.10
N HIS C 129 -5.79 15.48 -18.90
CA HIS C 129 -4.36 15.34 -18.62
C HIS C 129 -4.13 14.31 -17.52
N VAL C 130 -2.90 13.80 -17.43
CA VAL C 130 -2.53 12.78 -16.45
C VAL C 130 -1.61 13.37 -15.39
N GLU C 131 -1.86 13.00 -14.13
CA GLU C 131 -1.05 13.37 -12.97
C GLU C 131 -1.06 12.24 -11.95
N LYS C 132 -0.36 12.41 -10.83
CA LYS C 132 -0.31 11.43 -9.76
C LYS C 132 -1.62 11.45 -8.99
N SER C 133 -2.14 10.27 -8.63
CA SER C 133 -3.37 10.15 -7.85
C SER C 133 -3.07 10.50 -6.38
N GLU C 134 -4.12 10.72 -5.57
CA GLU C 134 -4.01 11.04 -4.14
C GLU C 134 -3.37 9.85 -3.40
N SER C 135 -3.54 8.63 -3.96
CA SER C 135 -3.02 7.36 -3.46
C SER C 135 -1.50 7.24 -3.52
N CYS C 136 -0.85 7.97 -4.45
CA CYS C 136 0.60 7.95 -4.68
C CYS C 136 1.49 8.15 -3.45
N LYS C 137 1.01 8.90 -2.45
CA LYS C 137 1.70 9.15 -1.19
C LYS C 137 1.67 7.92 -0.28
N THR C 138 0.65 7.06 -0.44
CA THR C 138 0.42 5.83 0.35
C THR C 138 0.73 4.56 -0.46
N GLU C 139 0.06 4.40 -1.62
CA GLU C 139 0.22 3.25 -2.52
C GLU C 139 1.18 3.56 -3.66
N PHE C 140 2.42 3.06 -3.56
CA PHE C 140 3.48 3.28 -4.55
C PHE C 140 4.54 2.19 -4.53
N ALA C 141 5.22 1.99 -5.67
CA ALA C 141 6.33 1.06 -5.85
C ALA C 141 7.58 1.87 -6.17
N SER C 142 8.70 1.59 -5.50
CA SER C 142 9.95 2.32 -5.68
C SER C 142 10.97 1.53 -6.50
N ALA C 143 11.50 2.16 -7.57
CA ALA C 143 12.50 1.56 -8.44
C ALA C 143 13.91 2.05 -8.02
N TYR C 144 14.69 1.14 -7.41
CA TYR C 144 16.04 1.42 -6.89
C TYR C 144 17.16 0.76 -7.70
N ARG C 145 18.33 1.42 -7.68
CA ARG C 145 19.58 0.91 -8.24
C ARG C 145 20.38 0.39 -7.05
N ALA C 146 20.82 -0.89 -7.10
CA ALA C 146 21.58 -1.49 -6.00
C ALA C 146 23.08 -1.50 -6.31
N HIS C 147 23.89 -1.01 -5.34
CA HIS C 147 25.35 -0.91 -5.45
C HIS C 147 26.03 -1.91 -4.50
N THR C 148 27.30 -1.64 -4.10
CA THR C 148 28.08 -2.49 -3.19
C THR C 148 27.41 -2.58 -1.81
N ALA C 149 27.01 -3.81 -1.42
CA ALA C 149 26.33 -4.09 -0.16
C ALA C 149 27.23 -4.06 1.07
N SER C 150 26.68 -3.58 2.19
CA SER C 150 27.36 -3.50 3.48
C SER C 150 26.94 -4.71 4.33
N ALA C 151 27.92 -5.55 4.71
CA ALA C 151 27.68 -6.75 5.51
C ALA C 151 27.86 -6.48 7.00
N SER C 152 26.92 -6.98 7.82
CA SER C 152 26.92 -6.86 9.28
C SER C 152 26.38 -8.13 9.93
N ALA C 153 26.80 -8.40 11.18
CA ALA C 153 26.38 -9.60 11.90
C ALA C 153 26.15 -9.38 13.39
N LYS C 154 25.19 -10.13 13.95
CA LYS C 154 24.84 -10.14 15.37
C LYS C 154 25.29 -11.51 15.89
N LEU C 155 26.25 -11.52 16.82
CA LEU C 155 26.82 -12.76 17.36
C LEU C 155 26.65 -12.89 18.87
N ARG C 156 26.17 -14.07 19.31
CA ARG C 156 26.01 -14.43 20.72
C ARG C 156 27.26 -15.22 21.13
N VAL C 157 27.96 -14.75 22.18
CA VAL C 157 29.17 -15.40 22.68
C VAL C 157 29.00 -15.75 24.16
N LEU C 158 29.23 -17.03 24.52
CA LEU C 158 29.17 -17.48 25.90
C LEU C 158 30.58 -17.25 26.46
N TYR C 159 30.80 -16.05 27.02
CA TYR C 159 32.07 -15.61 27.56
C TYR C 159 32.02 -15.47 29.08
N GLN C 160 32.91 -16.23 29.76
CA GLN C 160 33.05 -16.28 31.23
C GLN C 160 31.75 -16.66 31.97
N GLY C 161 31.04 -17.64 31.41
CA GLY C 161 29.78 -18.14 31.95
C GLY C 161 28.56 -17.26 31.72
N ASN C 162 28.70 -16.25 30.84
CA ASN C 162 27.63 -15.30 30.51
C ASN C 162 27.51 -15.08 29.00
N ASN C 163 26.27 -14.88 28.52
CA ASN C 163 25.98 -14.62 27.11
C ASN C 163 26.10 -13.13 26.80
N ILE C 164 27.00 -12.78 25.86
CA ILE C 164 27.23 -11.41 25.42
C ILE C 164 26.83 -11.23 23.96
N THR C 165 26.24 -10.06 23.63
CA THR C 165 25.80 -9.75 22.27
C THR C 165 26.79 -8.82 21.58
N VAL C 166 27.32 -9.25 20.43
CA VAL C 166 28.29 -8.48 19.64
C VAL C 166 27.68 -8.17 18.27
N THR C 167 27.48 -6.87 17.99
CA THR C 167 26.93 -6.38 16.72
C THR C 167 28.04 -5.59 16.03
N ALA C 168 28.50 -6.07 14.86
CA ALA C 168 29.58 -5.44 14.10
C ALA C 168 29.46 -5.68 12.60
N TYR C 169 30.11 -4.81 11.81
CA TYR C 169 30.16 -4.92 10.35
C TYR C 169 31.14 -6.07 10.02
N ALA C 170 30.73 -6.97 9.11
CA ALA C 170 31.53 -8.12 8.71
C ALA C 170 32.56 -7.78 7.60
N ASN C 171 33.32 -6.69 7.83
CA ASN C 171 34.36 -6.20 6.91
C ASN C 171 35.78 -6.59 7.33
N GLY C 172 35.92 -7.07 8.57
CA GLY C 172 37.20 -7.47 9.14
C GLY C 172 38.06 -6.29 9.57
N ASP C 173 37.42 -5.15 9.91
CA ASP C 173 38.08 -3.92 10.33
C ASP C 173 37.40 -3.30 11.56
N HIS C 174 36.05 -3.32 11.60
CA HIS C 174 35.24 -2.76 12.69
C HIS C 174 35.41 -3.59 13.97
N ALA C 175 36.07 -3.00 14.98
CA ALA C 175 36.34 -3.64 16.27
C ALA C 175 35.35 -3.21 17.35
N VAL C 176 34.69 -4.18 17.98
CA VAL C 176 33.71 -3.97 19.06
C VAL C 176 34.26 -4.63 20.34
N THR C 177 34.36 -3.86 21.42
CA THR C 177 34.88 -4.33 22.70
C THR C 177 33.76 -4.56 23.73
N VAL C 178 33.54 -5.84 24.09
CA VAL C 178 32.54 -6.28 25.07
C VAL C 178 33.28 -7.08 26.13
N LYS C 179 33.18 -6.65 27.42
CA LYS C 179 33.83 -7.25 28.59
C LYS C 179 35.37 -7.34 28.42
N ASP C 180 35.96 -6.25 27.88
CA ASP C 180 37.39 -6.06 27.58
C ASP C 180 37.95 -6.94 26.44
N ALA C 181 37.08 -7.73 25.79
CA ALA C 181 37.43 -8.60 24.67
C ALA C 181 37.13 -7.90 23.34
N LYS C 182 38.17 -7.74 22.50
CA LYS C 182 38.07 -7.07 21.20
C LYS C 182 37.60 -8.07 20.14
N PHE C 183 36.44 -7.80 19.52
CA PHE C 183 35.84 -8.64 18.50
C PHE C 183 35.92 -8.03 17.11
N ILE C 184 36.51 -8.77 16.16
CA ILE C 184 36.63 -8.39 14.75
C ILE C 184 35.96 -9.49 13.93
N VAL C 185 34.83 -9.16 13.32
CA VAL C 185 34.00 -10.06 12.51
C VAL C 185 34.27 -9.85 11.01
N GLY C 186 34.46 -10.95 10.30
CA GLY C 186 34.72 -10.95 8.87
C GLY C 186 36.19 -10.88 8.48
N PRO C 187 36.51 -10.55 7.21
CA PRO C 187 35.60 -10.26 6.08
C PRO C 187 34.92 -11.51 5.51
N MET C 188 33.63 -11.38 5.12
CA MET C 188 32.81 -12.45 4.54
C MET C 188 33.52 -13.13 3.38
N SER C 189 33.49 -14.48 3.35
CA SER C 189 34.12 -15.28 2.28
C SER C 189 33.41 -15.11 0.94
N SER C 190 32.09 -14.85 0.97
CA SER C 190 31.28 -14.64 -0.22
C SER C 190 30.70 -13.23 -0.24
N ALA C 191 30.81 -12.56 -1.41
CA ALA C 191 30.30 -11.20 -1.65
C ALA C 191 28.94 -11.25 -2.38
N TRP C 192 28.34 -12.46 -2.43
CA TRP C 192 27.06 -12.74 -3.07
C TRP C 192 25.89 -12.07 -2.35
N THR C 193 24.94 -11.53 -3.13
CA THR C 193 23.71 -10.90 -2.65
C THR C 193 22.52 -11.36 -3.51
N PRO C 194 21.31 -11.55 -2.94
CA PRO C 194 20.18 -11.98 -3.78
C PRO C 194 19.63 -10.88 -4.70
N PHE C 195 20.08 -9.63 -4.51
CA PHE C 195 19.65 -8.46 -5.28
C PHE C 195 20.47 -8.25 -6.54
N ASP C 196 19.80 -7.86 -7.63
CA ASP C 196 20.43 -7.53 -8.92
C ASP C 196 20.79 -6.03 -8.91
N ASN C 197 21.32 -5.50 -10.04
CA ASN C 197 21.68 -4.08 -10.17
C ASN C 197 20.44 -3.17 -10.13
N LYS C 198 19.26 -3.70 -10.50
CA LYS C 198 17.99 -2.99 -10.52
C LYS C 198 16.93 -3.74 -9.71
N ILE C 199 16.35 -3.06 -8.69
CA ILE C 199 15.32 -3.65 -7.81
C ILE C 199 14.06 -2.77 -7.70
N VAL C 200 12.92 -3.41 -7.40
CA VAL C 200 11.61 -2.76 -7.20
C VAL C 200 11.08 -3.11 -5.81
N VAL C 201 10.77 -2.07 -5.01
CA VAL C 201 10.28 -2.24 -3.64
C VAL C 201 8.84 -1.74 -3.48
N TYR C 202 7.95 -2.64 -3.02
CA TYR C 202 6.55 -2.33 -2.72
C TYR C 202 6.27 -2.83 -1.30
N LYS C 203 6.14 -1.87 -0.35
CA LYS C 203 5.90 -2.12 1.07
C LYS C 203 6.98 -3.04 1.69
N GLY C 204 6.58 -4.25 2.11
CA GLY C 204 7.50 -5.22 2.70
C GLY C 204 8.09 -6.21 1.71
N ASP C 205 7.72 -6.09 0.41
CA ASP C 205 8.19 -6.98 -0.66
C ASP C 205 9.21 -6.32 -1.59
N VAL C 206 10.28 -7.08 -1.94
CA VAL C 206 11.36 -6.63 -2.84
C VAL C 206 11.43 -7.59 -4.03
N TYR C 207 11.57 -7.03 -5.25
CA TYR C 207 11.63 -7.78 -6.50
C TYR C 207 12.85 -7.39 -7.33
N ASN C 208 13.48 -8.38 -8.00
CA ASN C 208 14.59 -8.14 -8.92
C ASN C 208 13.92 -7.84 -10.25
N MET C 209 13.96 -6.58 -10.69
CA MET C 209 13.26 -6.16 -11.90
C MET C 209 14.06 -5.24 -12.80
N ASP C 210 14.05 -5.54 -14.11
CA ASP C 210 14.69 -4.72 -15.13
C ASP C 210 13.61 -3.72 -15.60
N TYR C 211 13.23 -2.79 -14.69
CA TYR C 211 12.20 -1.77 -14.90
C TYR C 211 12.57 -0.78 -16.01
N PRO C 212 11.59 -0.18 -16.74
CA PRO C 212 11.96 0.78 -17.80
C PRO C 212 12.65 2.02 -17.23
N PRO C 213 13.65 2.61 -17.93
CA PRO C 213 14.33 3.79 -17.38
C PRO C 213 13.42 5.02 -17.25
N PHE C 214 13.85 6.00 -16.43
CA PHE C 214 13.12 7.24 -16.17
C PHE C 214 12.87 8.01 -17.47
N GLY C 215 11.60 8.24 -17.77
CA GLY C 215 11.15 8.93 -18.98
C GLY C 215 10.98 8.05 -20.20
N ALA C 216 10.93 6.71 -20.00
CA ALA C 216 10.79 5.72 -21.07
C ALA C 216 9.71 4.66 -20.78
N GLY C 217 8.79 4.98 -19.88
CA GLY C 217 7.69 4.10 -19.48
C GLY C 217 6.66 3.90 -20.58
N ARG C 218 6.13 2.67 -20.67
CA ARG C 218 5.16 2.26 -21.70
C ARG C 218 3.72 2.18 -21.16
N PRO C 219 2.68 2.44 -21.99
CA PRO C 219 1.29 2.38 -21.49
C PRO C 219 0.82 0.98 -21.10
N GLY C 220 0.05 0.91 -20.01
CA GLY C 220 -0.52 -0.33 -19.48
C GLY C 220 0.46 -1.25 -18.78
N GLN C 221 1.73 -0.82 -18.67
CA GLN C 221 2.83 -1.58 -18.05
C GLN C 221 3.44 -0.80 -16.89
N PHE C 222 4.27 -1.49 -16.06
CA PHE C 222 4.96 -0.90 -14.90
C PHE C 222 5.78 0.31 -15.36
N GLY C 223 5.54 1.44 -14.72
CA GLY C 223 6.21 2.70 -15.04
C GLY C 223 5.51 3.54 -16.09
N ASP C 224 4.19 3.31 -16.30
CA ASP C 224 3.36 4.07 -17.24
C ASP C 224 3.30 5.54 -16.82
N ILE C 225 3.48 5.78 -15.50
CA ILE C 225 3.58 7.07 -14.83
C ILE C 225 4.87 7.02 -13.99
N GLN C 226 5.77 7.99 -14.19
CA GLN C 226 7.05 8.04 -13.48
C GLN C 226 7.27 9.38 -12.79
N SER C 227 7.64 9.33 -11.51
CA SER C 227 7.91 10.52 -10.69
C SER C 227 9.10 10.27 -9.77
N ARG C 228 9.90 11.30 -9.52
CA ARG C 228 11.11 11.27 -8.68
C ARG C 228 10.83 10.71 -7.28
N THR C 229 9.86 11.30 -6.54
CA THR C 229 9.45 10.88 -5.19
C THR C 229 7.89 10.88 -5.11
N PRO C 230 7.24 10.20 -4.11
CA PRO C 230 5.75 10.21 -4.06
C PRO C 230 5.08 11.58 -3.93
N GLU C 231 5.80 12.59 -3.41
CA GLU C 231 5.28 13.94 -3.21
C GLU C 231 5.88 15.03 -4.13
N SER C 232 6.82 14.68 -5.04
CA SER C 232 7.45 15.64 -5.97
C SER C 232 6.49 16.15 -7.06
N LYS C 233 6.79 17.34 -7.64
CA LYS C 233 5.97 17.96 -8.68
C LYS C 233 6.12 17.36 -10.08
N ASP C 234 7.29 16.76 -10.39
CA ASP C 234 7.56 16.16 -11.70
C ASP C 234 6.70 14.93 -11.97
N VAL C 235 6.07 14.88 -13.15
CA VAL C 235 5.22 13.78 -13.57
C VAL C 235 5.52 13.44 -15.04
N TYR C 236 5.94 12.19 -15.29
CA TYR C 236 6.14 11.66 -16.64
C TYR C 236 4.95 10.74 -16.87
N ALA C 237 4.26 10.91 -18.01
CA ALA C 237 3.11 10.07 -18.33
C ALA C 237 3.04 9.67 -19.79
N ASN C 238 2.80 8.37 -20.01
CA ASN C 238 2.64 7.74 -21.32
C ASN C 238 1.61 6.63 -21.11
N THR C 239 0.32 7.02 -21.14
CA THR C 239 -0.82 6.12 -20.90
C THR C 239 -1.72 5.94 -22.13
N GLN C 240 -1.36 6.58 -23.28
CA GLN C 240 -2.09 6.56 -24.54
C GLN C 240 -3.52 7.14 -24.41
N LEU C 241 -3.62 8.37 -23.86
CA LEU C 241 -4.87 9.07 -23.67
C LEU C 241 -5.37 9.61 -25.01
N VAL C 242 -6.54 9.11 -25.46
CA VAL C 242 -7.18 9.52 -26.71
C VAL C 242 -8.63 9.87 -26.39
N LEU C 243 -9.01 11.13 -26.67
CA LEU C 243 -10.38 11.60 -26.43
C LEU C 243 -11.31 11.17 -27.55
N GLN C 244 -12.55 10.78 -27.19
CA GLN C 244 -13.56 10.30 -28.13
C GLN C 244 -14.73 11.27 -28.24
N ARG C 245 -15.49 11.18 -29.36
CA ARG C 245 -16.66 12.02 -29.60
C ARG C 245 -17.79 11.67 -28.60
N PRO C 246 -18.39 12.67 -27.91
CA PRO C 246 -19.46 12.35 -26.95
C PRO C 246 -20.74 11.82 -27.61
N ALA C 247 -21.52 11.03 -26.85
CA ALA C 247 -22.79 10.43 -27.26
C ALA C 247 -23.83 11.49 -27.63
N ALA C 248 -24.80 11.11 -28.50
CA ALA C 248 -25.88 11.96 -28.99
C ALA C 248 -26.70 12.58 -27.85
N GLY C 249 -26.75 13.91 -27.82
CA GLY C 249 -27.46 14.69 -26.81
C GLY C 249 -26.97 14.51 -25.40
N THR C 250 -25.68 14.15 -25.24
CA THR C 250 -25.06 13.86 -23.95
C THR C 250 -23.84 14.73 -23.69
N VAL C 251 -23.76 15.31 -22.47
CA VAL C 251 -22.60 16.08 -22.03
C VAL C 251 -21.76 15.14 -21.16
N HIS C 252 -20.64 14.66 -21.73
CA HIS C 252 -19.66 13.79 -21.08
C HIS C 252 -18.35 13.78 -21.85
N VAL C 253 -17.28 13.26 -21.24
CA VAL C 253 -15.97 13.21 -21.89
C VAL C 253 -15.49 11.75 -22.05
N PRO C 254 -15.95 11.04 -23.12
CA PRO C 254 -15.49 9.66 -23.31
C PRO C 254 -14.05 9.62 -23.80
N TYR C 255 -13.31 8.57 -23.41
CA TYR C 255 -11.89 8.44 -23.77
C TYR C 255 -11.41 6.98 -23.77
N SER C 256 -10.31 6.73 -24.49
CA SER C 256 -9.64 5.44 -24.53
C SER C 256 -8.27 5.61 -23.86
N GLN C 257 -7.94 4.77 -22.90
CA GLN C 257 -6.71 4.87 -22.15
C GLN C 257 -6.27 3.50 -21.68
N ALA C 258 -4.99 3.18 -21.84
CA ALA C 258 -4.35 2.04 -21.19
C ALA C 258 -4.45 2.09 -19.67
N PRO C 259 -5.15 1.02 -19.11
CA PRO C 259 -5.35 0.98 -17.65
C PRO C 259 -4.03 0.93 -16.87
N SER C 260 -4.02 1.40 -15.59
CA SER C 260 -2.89 1.49 -14.70
C SER C 260 -1.93 0.32 -14.76
N GLY C 261 -0.70 0.61 -15.13
CA GLY C 261 0.37 -0.34 -15.17
C GLY C 261 0.80 -0.76 -13.79
N PHE C 262 0.58 0.10 -12.79
CA PHE C 262 0.90 -0.19 -11.40
C PHE C 262 -0.13 -1.18 -10.83
N LYS C 263 -1.44 -0.94 -11.09
CA LYS C 263 -2.55 -1.80 -10.65
C LYS C 263 -2.44 -3.21 -11.24
N TYR C 264 -2.07 -3.30 -12.54
CA TYR C 264 -1.87 -4.57 -13.25
C TYR C 264 -0.66 -5.31 -12.67
N TRP C 265 0.41 -4.57 -12.32
CA TRP C 265 1.62 -5.14 -11.73
C TRP C 265 1.35 -5.71 -10.34
N LEU C 266 0.50 -5.05 -9.53
CA LEU C 266 0.14 -5.49 -8.17
C LEU C 266 -0.47 -6.90 -8.13
N LYS C 267 -1.21 -7.30 -9.18
CA LYS C 267 -1.83 -8.62 -9.26
C LYS C 267 -0.98 -9.66 -10.03
N GLU C 268 -0.03 -9.18 -10.86
CA GLU C 268 0.81 -10.04 -11.71
C GLU C 268 2.32 -10.08 -11.33
N ARG C 269 2.71 -9.42 -10.21
CA ARG C 269 4.10 -9.36 -9.73
C ARG C 269 4.71 -10.71 -9.34
N GLY C 270 3.89 -11.62 -8.84
CA GLY C 270 4.31 -12.94 -8.40
C GLY C 270 5.00 -12.92 -7.06
N ALA C 271 5.79 -13.96 -6.76
CA ALA C 271 6.51 -14.10 -5.50
C ALA C 271 7.73 -13.19 -5.43
N SER C 272 7.91 -12.53 -4.27
CA SER C 272 9.03 -11.62 -4.00
C SER C 272 10.31 -12.39 -3.65
N LEU C 273 11.44 -11.67 -3.47
CA LEU C 273 12.74 -12.23 -3.13
C LEU C 273 12.75 -13.04 -1.81
N GLN C 274 11.81 -12.74 -0.89
CA GLN C 274 11.63 -13.43 0.40
C GLN C 274 11.31 -14.93 0.19
N HIS C 275 10.62 -15.24 -0.92
CA HIS C 275 10.19 -16.60 -1.26
C HIS C 275 11.02 -17.27 -2.37
N THR C 276 11.60 -16.49 -3.29
CA THR C 276 12.37 -17.01 -4.44
C THR C 276 13.89 -17.09 -4.29
N ALA C 277 14.51 -16.17 -3.51
CA ALA C 277 15.97 -16.07 -3.34
C ALA C 277 16.69 -17.37 -2.92
N PRO C 278 17.90 -17.62 -3.47
CA PRO C 278 18.66 -18.81 -3.07
C PRO C 278 19.27 -18.65 -1.67
N PHE C 279 19.87 -19.75 -1.13
CA PHE C 279 20.54 -19.81 0.18
C PHE C 279 19.66 -19.50 1.41
N GLY C 280 18.35 -19.64 1.25
CA GLY C 280 17.36 -19.41 2.29
C GLY C 280 17.32 -17.99 2.83
N CYS C 281 17.53 -16.99 1.94
CA CYS C 281 17.53 -15.56 2.27
C CYS C 281 16.16 -15.08 2.73
N GLN C 282 16.15 -14.27 3.80
CA GLN C 282 14.97 -13.61 4.34
C GLN C 282 15.09 -12.16 3.91
N ILE C 283 14.03 -11.57 3.37
CA ILE C 283 14.08 -10.19 2.88
C ILE C 283 13.26 -9.22 3.74
N ALA C 284 13.93 -8.18 4.23
CA ALA C 284 13.33 -7.13 5.05
C ALA C 284 13.46 -5.76 4.37
N THR C 285 12.61 -4.80 4.76
CA THR C 285 12.61 -3.44 4.23
C THR C 285 12.79 -2.40 5.35
N ASN C 286 13.00 -1.13 4.97
CA ASN C 286 13.23 0.03 5.84
C ASN C 286 14.35 -0.19 6.89
N PRO C 287 15.64 -0.35 6.48
CA PRO C 287 16.18 -0.37 5.11
C PRO C 287 16.11 -1.75 4.43
N VAL C 288 16.13 -1.76 3.07
CA VAL C 288 16.11 -2.99 2.27
C VAL C 288 17.38 -3.79 2.58
N ARG C 289 17.22 -5.04 3.00
CA ARG C 289 18.35 -5.90 3.40
C ARG C 289 18.08 -7.40 3.25
N ALA C 290 19.15 -8.18 3.05
CA ALA C 290 19.11 -9.63 2.97
C ALA C 290 19.48 -10.17 4.35
N VAL C 291 18.60 -10.96 4.96
CA VAL C 291 18.78 -11.50 6.30
C VAL C 291 18.95 -13.02 6.29
N ASN C 292 19.96 -13.51 7.03
CA ASN C 292 20.28 -14.94 7.24
C ASN C 292 20.50 -15.77 5.98
N CYS C 293 21.26 -15.23 5.02
CA CYS C 293 21.60 -15.93 3.78
C CYS C 293 22.68 -16.96 4.10
N ALA C 294 22.35 -18.25 3.99
CA ALA C 294 23.26 -19.35 4.28
C ALA C 294 24.25 -19.59 3.13
N VAL C 295 25.23 -18.66 3.00
CA VAL C 295 26.26 -18.71 1.95
C VAL C 295 27.66 -18.39 2.50
N GLY C 296 28.60 -19.29 2.26
CA GLY C 296 29.98 -19.17 2.68
C GLY C 296 30.21 -19.30 4.17
N ASN C 297 31.23 -18.61 4.67
CA ASN C 297 31.66 -18.60 6.07
C ASN C 297 32.17 -17.22 6.47
N MET C 298 32.48 -17.03 7.76
CA MET C 298 33.03 -15.77 8.26
C MET C 298 34.08 -15.91 9.36
N PRO C 299 35.28 -15.30 9.19
CA PRO C 299 36.29 -15.38 10.24
C PRO C 299 35.96 -14.49 11.43
N ILE C 300 36.32 -14.94 12.64
CA ILE C 300 36.10 -14.20 13.89
C ILE C 300 37.42 -14.08 14.65
N SER C 301 37.83 -12.85 14.94
CA SER C 301 39.05 -12.55 15.68
C SER C 301 38.64 -12.06 17.07
N ILE C 302 39.00 -12.85 18.11
CA ILE C 302 38.68 -12.52 19.50
C ILE C 302 39.96 -12.28 20.28
N ASP C 303 40.23 -11.00 20.62
CA ASP C 303 41.40 -10.64 21.42
C ASP C 303 40.97 -10.75 22.88
N ILE C 304 41.24 -11.91 23.50
CA ILE C 304 40.88 -12.22 24.88
C ILE C 304 41.89 -11.60 25.85
N PRO C 305 41.44 -10.76 26.82
CA PRO C 305 42.39 -10.14 27.76
C PRO C 305 43.09 -11.12 28.70
N GLU C 306 44.27 -10.71 29.22
CA GLU C 306 45.15 -11.46 30.13
C GLU C 306 44.43 -12.05 31.34
N ALA C 307 43.58 -11.23 32.01
CA ALA C 307 42.84 -11.59 33.23
C ALA C 307 41.89 -12.77 33.10
N ALA C 308 41.33 -13.00 31.90
CA ALA C 308 40.40 -14.11 31.62
C ALA C 308 41.08 -15.47 31.69
N PHE C 309 42.39 -15.53 31.41
CA PHE C 309 43.18 -16.76 31.44
C PHE C 309 43.72 -17.06 32.84
N THR C 310 43.81 -18.37 33.16
CA THR C 310 44.35 -18.88 34.41
C THR C 310 45.49 -19.86 34.07
N ARG C 311 46.61 -19.78 34.78
CA ARG C 311 47.77 -20.65 34.56
C ARG C 311 47.44 -22.11 34.90
N VAL C 312 48.02 -23.08 34.15
CA VAL C 312 47.79 -24.53 34.33
C VAL C 312 48.06 -24.96 35.79
N VAL C 313 49.19 -24.48 36.37
CA VAL C 313 49.63 -24.75 37.75
C VAL C 313 48.56 -24.20 38.73
N ASP C 314 48.00 -23.01 38.44
CA ASP C 314 46.97 -22.36 39.25
C ASP C 314 45.58 -22.98 39.06
N ALA C 315 45.39 -23.76 37.98
CA ALA C 315 44.14 -24.45 37.63
C ALA C 315 44.12 -25.89 38.22
N PRO C 316 42.93 -26.50 38.50
CA PRO C 316 42.93 -27.86 39.07
C PRO C 316 43.44 -28.94 38.11
N SER C 317 44.31 -29.82 38.63
CA SER C 317 44.89 -30.93 37.86
C SER C 317 44.01 -32.17 37.98
N LEU C 318 43.59 -32.73 36.84
CA LEU C 318 42.70 -33.88 36.76
C LEU C 318 43.49 -35.18 36.54
N THR C 319 43.08 -36.26 37.24
CA THR C 319 43.67 -37.60 37.15
C THR C 319 42.63 -38.69 37.45
N ASP C 320 43.03 -39.98 37.37
CA ASP C 320 42.17 -41.16 37.61
C ASP C 320 40.81 -41.00 36.90
N MET C 321 40.86 -40.75 35.58
CA MET C 321 39.67 -40.50 34.78
C MET C 321 39.15 -41.71 34.00
N SER C 322 37.84 -41.91 34.09
CA SER C 322 37.09 -42.98 33.42
C SER C 322 35.80 -42.41 32.84
N CYS C 323 35.45 -42.81 31.61
CA CYS C 323 34.25 -42.32 30.94
C CYS C 323 33.30 -43.44 30.52
N GLU C 324 32.03 -43.31 30.93
CA GLU C 324 30.96 -44.24 30.59
C GLU C 324 29.81 -43.51 29.91
N VAL C 325 29.32 -44.06 28.79
CA VAL C 325 28.21 -43.48 28.01
C VAL C 325 26.95 -44.36 28.24
N PRO C 326 26.05 -43.97 29.18
CA PRO C 326 24.87 -44.80 29.44
C PRO C 326 23.76 -44.66 28.39
N ALA C 327 23.71 -43.52 27.67
CA ALA C 327 22.70 -43.25 26.65
C ALA C 327 23.23 -42.45 25.48
N CYS C 328 23.00 -42.93 24.24
CA CYS C 328 23.40 -42.24 23.01
C CYS C 328 22.51 -42.52 21.81
N THR C 329 22.14 -41.45 21.11
CA THR C 329 21.34 -41.45 19.88
C THR C 329 22.00 -40.44 18.93
N HIS C 330 22.53 -40.93 17.79
CA HIS C 330 23.20 -40.06 16.83
C HIS C 330 22.21 -39.20 16.03
N SER C 331 22.15 -37.90 16.38
CA SER C 331 21.26 -36.91 15.75
C SER C 331 21.88 -35.51 15.76
N SER C 332 21.20 -34.53 15.12
CA SER C 332 21.63 -33.13 15.03
C SER C 332 21.66 -32.45 16.41
N ASP C 333 20.71 -32.81 17.30
CA ASP C 333 20.61 -32.32 18.67
C ASP C 333 21.47 -33.20 19.59
N PHE C 334 21.77 -32.72 20.81
CA PHE C 334 22.57 -33.44 21.80
C PHE C 334 21.82 -34.67 22.34
N GLY C 335 21.92 -35.78 21.58
CA GLY C 335 21.26 -37.04 21.89
C GLY C 335 22.12 -38.05 22.64
N GLY C 336 23.27 -37.58 23.14
CA GLY C 336 24.21 -38.42 23.88
C GLY C 336 24.48 -37.87 25.28
N VAL C 337 24.55 -38.78 26.26
CA VAL C 337 24.82 -38.47 27.67
C VAL C 337 26.11 -39.18 28.07
N ALA C 338 27.06 -38.45 28.68
CA ALA C 338 28.34 -39.00 29.12
C ALA C 338 28.65 -38.66 30.57
N ILE C 339 28.97 -39.68 31.38
CA ILE C 339 29.34 -39.54 32.79
C ILE C 339 30.83 -39.81 32.94
N ILE C 340 31.58 -38.80 33.46
CA ILE C 340 33.02 -38.89 33.65
C ILE C 340 33.38 -38.84 35.14
N LYS C 341 34.05 -39.90 35.62
CA LYS C 341 34.53 -40.00 37.00
C LYS C 341 35.95 -39.47 37.04
N TYR C 342 36.31 -38.68 38.09
CA TYR C 342 37.62 -38.05 38.19
C TYR C 342 38.16 -37.92 39.60
N ALA C 343 39.43 -37.46 39.70
CA ALA C 343 40.16 -37.17 40.94
C ALA C 343 40.88 -35.83 40.74
N ALA C 344 40.26 -34.74 41.23
CA ALA C 344 40.79 -33.38 41.09
C ALA C 344 41.73 -33.03 42.25
N SER C 345 42.84 -32.32 41.93
CA SER C 345 43.84 -31.88 42.90
C SER C 345 43.28 -30.80 43.84
N LYS C 346 42.39 -29.93 43.32
CA LYS C 346 41.75 -28.84 44.06
C LYS C 346 40.39 -28.45 43.45
N LYS C 347 39.64 -27.59 44.15
CA LYS C 347 38.32 -27.09 43.71
C LYS C 347 38.52 -25.90 42.76
N GLY C 348 37.75 -25.89 41.67
CA GLY C 348 37.79 -24.82 40.67
C GLY C 348 36.90 -25.07 39.47
N LYS C 349 37.10 -24.27 38.42
CA LYS C 349 36.35 -24.36 37.17
C LYS C 349 37.22 -24.91 36.05
N CYS C 350 36.75 -25.99 35.40
CA CYS C 350 37.45 -26.65 34.28
C CYS C 350 36.66 -26.54 32.99
N ALA C 351 37.37 -26.33 31.87
CA ALA C 351 36.76 -26.24 30.54
C ALA C 351 36.50 -27.64 30.00
N VAL C 352 35.34 -27.82 29.33
CA VAL C 352 34.93 -29.10 28.74
C VAL C 352 34.94 -28.96 27.22
N HIS C 353 35.72 -29.81 26.54
CA HIS C 353 35.83 -29.80 25.09
C HIS C 353 36.10 -31.19 24.54
N SER C 354 35.51 -31.49 23.36
CA SER C 354 35.72 -32.76 22.67
C SER C 354 36.92 -32.60 21.74
N MET C 355 37.94 -33.45 21.93
CA MET C 355 39.15 -33.42 21.09
C MET C 355 38.92 -34.06 19.71
N THR C 356 37.85 -34.87 19.59
CA THR C 356 37.42 -35.50 18.34
C THR C 356 36.40 -34.57 17.68
N ASN C 357 36.66 -34.18 16.43
CA ASN C 357 35.83 -33.26 15.65
C ASN C 357 34.44 -33.80 15.29
N ALA C 358 34.26 -35.13 15.34
CA ALA C 358 33.00 -35.80 15.03
C ALA C 358 31.92 -35.53 16.07
N VAL C 359 32.30 -35.40 17.36
CA VAL C 359 31.36 -35.13 18.46
C VAL C 359 31.53 -33.73 19.07
N THR C 360 30.42 -33.12 19.54
CA THR C 360 30.40 -31.79 20.15
C THR C 360 29.68 -31.84 21.49
N ILE C 361 30.31 -31.29 22.56
CA ILE C 361 29.75 -31.25 23.92
C ILE C 361 28.94 -29.95 24.13
N ARG C 362 27.75 -30.05 24.74
CA ARG C 362 26.82 -28.96 25.03
C ARG C 362 27.40 -27.91 26.00
N GLU C 363 27.93 -28.36 27.15
CA GLU C 363 28.51 -27.47 28.15
C GLU C 363 29.98 -27.18 27.91
N ALA C 364 30.38 -25.92 28.14
CA ALA C 364 31.75 -25.43 27.95
C ALA C 364 32.58 -25.39 29.23
N GLU C 365 31.92 -25.23 30.40
CA GLU C 365 32.59 -25.13 31.70
C GLU C 365 31.80 -25.82 32.82
N ILE C 366 32.50 -26.63 33.63
CA ILE C 366 31.92 -27.35 34.78
C ILE C 366 32.76 -27.11 36.05
N GLU C 367 32.13 -27.28 37.24
CA GLU C 367 32.78 -27.10 38.53
C GLU C 367 33.33 -28.42 39.06
N VAL C 368 34.67 -28.49 39.26
CA VAL C 368 35.36 -29.68 39.79
C VAL C 368 35.59 -29.57 41.30
N GLU C 369 35.46 -30.70 42.02
CA GLU C 369 35.64 -30.74 43.47
C GLU C 369 36.85 -31.60 43.88
N GLY C 370 36.69 -32.93 43.85
CA GLY C 370 37.73 -33.89 44.21
C GLY C 370 37.48 -35.24 43.59
N ASN C 371 37.03 -36.21 44.41
CA ASN C 371 36.71 -37.57 43.97
C ASN C 371 35.20 -37.70 43.65
N SER C 372 34.71 -36.84 42.74
CA SER C 372 33.32 -36.77 42.31
C SER C 372 33.15 -37.19 40.83
N GLN C 373 31.92 -37.05 40.29
CA GLN C 373 31.58 -37.39 38.90
C GLN C 373 30.82 -36.25 38.22
N LEU C 374 31.08 -36.05 36.91
CA LEU C 374 30.43 -35.02 36.10
C LEU C 374 29.54 -35.61 35.00
N GLN C 375 28.46 -34.91 34.66
CA GLN C 375 27.52 -35.34 33.61
C GLN C 375 27.49 -34.32 32.48
N ILE C 376 27.82 -34.76 31.26
CA ILE C 376 27.85 -33.92 30.06
C ILE C 376 26.95 -34.45 28.94
N SER C 377 26.42 -33.53 28.12
CA SER C 377 25.57 -33.85 26.97
C SER C 377 26.36 -33.62 25.68
N PHE C 378 26.31 -34.59 24.75
CA PHE C 378 27.04 -34.50 23.47
C PHE C 378 26.20 -34.85 22.25
N SER C 379 26.62 -34.35 21.07
CA SER C 379 25.97 -34.59 19.78
C SER C 379 26.95 -35.21 18.80
N THR C 380 26.49 -36.23 18.06
CA THR C 380 27.29 -36.95 17.05
C THR C 380 26.43 -37.48 15.90
N ALA C 381 27.08 -37.85 14.79
CA ALA C 381 26.44 -38.42 13.60
C ALA C 381 26.85 -39.89 13.46
N LEU C 382 27.95 -40.29 14.13
CA LEU C 382 28.51 -41.64 14.13
C LEU C 382 27.70 -42.65 14.94
N ALA C 383 27.66 -43.89 14.44
CA ALA C 383 27.01 -45.03 15.11
C ALA C 383 27.97 -45.52 16.21
N SER C 384 29.26 -45.69 15.86
CA SER C 384 30.32 -46.11 16.78
C SER C 384 31.16 -44.87 17.11
N ALA C 385 30.81 -44.19 18.22
CA ALA C 385 31.49 -42.98 18.66
C ALA C 385 32.67 -43.23 19.59
N GLU C 386 33.89 -43.03 19.06
CA GLU C 386 35.15 -43.18 19.78
C GLU C 386 35.74 -41.77 19.88
N PHE C 387 35.53 -41.12 21.04
CA PHE C 387 35.95 -39.73 21.25
C PHE C 387 36.73 -39.44 22.52
N ARG C 388 37.52 -38.34 22.49
CA ARG C 388 38.35 -37.85 23.59
C ARG C 388 37.70 -36.60 24.19
N VAL C 389 37.60 -36.55 25.54
CA VAL C 389 37.02 -35.41 26.27
C VAL C 389 38.10 -34.76 27.13
N GLN C 390 38.38 -33.47 26.88
CA GLN C 390 39.39 -32.73 27.64
C GLN C 390 38.75 -31.89 28.74
N VAL C 391 38.97 -32.29 30.00
CA VAL C 391 38.51 -31.58 31.19
C VAL C 391 39.77 -30.94 31.76
N CYS C 392 39.88 -29.61 31.64
CA CYS C 392 41.04 -28.79 31.99
C CYS C 392 42.22 -29.15 31.07
N SER C 393 43.33 -29.70 31.58
CA SER C 393 44.49 -30.09 30.76
C SER C 393 44.64 -31.60 30.52
N THR C 394 43.82 -32.43 31.20
CA THR C 394 43.86 -33.89 31.07
C THR C 394 42.69 -34.40 30.21
N GLN C 395 42.98 -35.41 29.35
CA GLN C 395 42.01 -36.01 28.43
C GLN C 395 41.51 -37.39 28.90
N VAL C 396 40.23 -37.70 28.60
CA VAL C 396 39.58 -38.96 28.93
C VAL C 396 38.90 -39.57 27.69
N HIS C 397 39.08 -40.89 27.48
CA HIS C 397 38.53 -41.63 26.35
C HIS C 397 37.10 -42.12 26.65
N CYS C 398 36.16 -41.82 25.75
CA CYS C 398 34.75 -42.23 25.87
C CYS C 398 34.40 -43.21 24.77
N ALA C 399 33.86 -44.38 25.16
CA ALA C 399 33.42 -45.43 24.23
C ALA C 399 31.89 -45.38 24.16
N ALA C 400 31.35 -45.10 22.98
CA ALA C 400 29.91 -44.97 22.78
C ALA C 400 29.37 -45.74 21.57
N GLU C 401 28.24 -46.43 21.76
CA GLU C 401 27.56 -47.19 20.73
C GLU C 401 26.19 -46.52 20.52
N CYS C 402 26.20 -45.43 19.73
CA CYS C 402 25.02 -44.61 19.44
C CYS C 402 24.11 -45.27 18.41
N HIS C 403 22.79 -45.13 18.62
CA HIS C 403 21.76 -45.74 17.78
C HIS C 403 20.99 -44.74 16.90
N PRO C 404 20.46 -45.15 15.71
CA PRO C 404 19.74 -44.19 14.85
C PRO C 404 18.42 -43.67 15.41
N PRO C 405 18.04 -42.40 15.11
CA PRO C 405 16.76 -41.87 15.64
C PRO C 405 15.57 -42.23 14.77
N LYS C 406 14.35 -41.89 15.23
CA LYS C 406 13.07 -42.16 14.54
C LYS C 406 12.90 -41.41 13.22
N ASP C 407 13.23 -40.11 13.20
CA ASP C 407 13.05 -39.26 12.03
C ASP C 407 14.31 -39.10 11.20
N HIS C 408 14.17 -39.20 9.86
CA HIS C 408 15.25 -39.03 8.88
C HIS C 408 15.44 -37.54 8.58
N ILE C 409 14.40 -36.72 8.85
CA ILE C 409 14.39 -35.28 8.62
C ILE C 409 14.24 -34.54 9.97
N VAL C 410 15.06 -33.51 10.17
CA VAL C 410 15.07 -32.65 11.37
C VAL C 410 14.92 -31.16 10.97
N ASN C 411 14.24 -30.36 11.81
CA ASN C 411 14.02 -28.94 11.55
C ASN C 411 15.14 -27.99 12.00
N TYR C 412 16.34 -28.54 12.28
CA TYR C 412 17.54 -27.79 12.70
C TYR C 412 18.79 -28.31 11.96
N PRO C 413 19.76 -27.42 11.59
CA PRO C 413 20.96 -27.89 10.91
C PRO C 413 22.14 -28.17 11.85
C ACT D . -27.14 35.87 -10.35
O ACT D . -27.56 34.74 -10.20
OXT ACT D . -27.27 36.69 -9.45
CH3 ACT D . -26.44 36.26 -11.62
C1 NAG E . 2.24 5.32 8.00
C2 NAG E . 2.50 4.67 9.39
C3 NAG E . 3.62 5.37 10.22
C4 NAG E . 4.20 6.70 9.62
C5 NAG E . 4.26 6.71 8.06
C6 NAG E . 5.71 6.64 7.54
C7 NAG E . 0.68 3.14 10.21
C8 NAG E . -0.53 3.09 11.08
N2 NAG E . 1.30 4.38 10.17
O3 NAG E . 4.68 4.42 10.49
O4 NAG E . 3.40 7.80 10.07
O5 NAG E . 3.48 5.68 7.38
O6 NAG E . 5.87 7.34 6.31
O7 NAG E . 1.09 2.16 9.57
OS OS F . -22.76 7.63 -21.34
OS OS G . -13.49 -17.65 -1.51
OS OS H . -8.89 -8.48 -12.87
OS OS I . -18.05 21.06 6.90
C1 NAG J . 23.14 -18.65 26.89
C2 NAG J . 22.45 -19.18 28.19
C3 NAG J . 21.77 -20.55 27.91
C4 NAG J . 20.84 -20.51 26.67
C5 NAG J . 21.63 -19.95 25.45
C6 NAG J . 20.70 -19.72 24.24
C7 NAG J . 23.64 -18.17 30.18
C8 NAG J . 24.61 -18.50 31.28
N2 NAG J . 23.36 -19.23 29.34
O3 NAG J . 21.02 -20.93 29.09
O4 NAG J . 20.38 -21.84 26.37
O5 NAG J . 22.27 -18.68 25.75
O6 NAG J . 19.77 -18.66 24.50
O7 NAG J . 23.13 -17.06 30.06
C ACT K . 42.52 -5.50 24.58
O ACT K . 42.90 -4.80 25.51
OXT ACT K . 42.33 -5.00 23.48
CH3 ACT K . 42.30 -6.97 24.79
C ACT L . -6.24 13.21 -28.26
O ACT L . -5.40 12.49 -27.75
OXT ACT L . -7.40 13.04 -27.99
CH3 ACT L . -5.81 14.30 -29.21
OS OS M . 40.69 -41.80 19.69
OS OS N . 26.31 -2.56 12.78
#